data_3ZBH
#
_entry.id   3ZBH
#
_cell.length_a   84.948
_cell.length_b   58.641
_cell.length_c   85.219
_cell.angle_alpha   90.00
_cell.angle_beta   112.36
_cell.angle_gamma   90.00
#
_symmetry.space_group_name_H-M   'P 1 21 1'
#
loop_
_entity.id
_entity.type
_entity.pdbx_description
1 polymer ESXA
2 non-polymer 'ACETATE ION'
3 non-polymer 'PHOSPHATE ION'
4 water water
#
_entity_poly.entity_id   1
_entity_poly.type   'polypeptide(L)'
_entity_poly.pdbx_seq_one_letter_code
;GSMAGVIRLTPEELRGVARQYNVESSNVTELIARLDQMSHTLQGIWEGASSEAFIQQYQELRPSFEKMAVLLNEVGQQLH
NSATILEDTDQQIASQIRG
;
_entity_poly.pdbx_strand_id   A,B,C,D,E,F,G,H
#
loop_
_chem_comp.id
_chem_comp.type
_chem_comp.name
_chem_comp.formula
ACT non-polymer 'ACETATE ION' 'C2 H3 O2 -1'
PO4 non-polymer 'PHOSPHATE ION' 'O4 P -3'
#
# COMPACT_ATOMS: atom_id res chain seq x y z
N LEU A 9 -30.91 20.82 -3.03
CA LEU A 9 -29.87 20.19 -3.92
C LEU A 9 -29.37 21.15 -5.00
N THR A 10 -28.05 21.28 -5.09
CA THR A 10 -27.38 22.30 -5.91
C THR A 10 -26.66 21.70 -7.11
N PRO A 11 -26.44 22.50 -8.18
CA PRO A 11 -25.62 22.02 -9.29
C PRO A 11 -24.27 21.50 -8.77
N GLU A 12 -23.74 22.12 -7.72
CA GLU A 12 -22.47 21.66 -7.13
C GLU A 12 -22.54 20.27 -6.51
N GLU A 13 -23.60 19.99 -5.75
CA GLU A 13 -23.89 18.65 -5.25
C GLU A 13 -23.90 17.65 -6.41
N LEU A 14 -24.72 17.94 -7.42
CA LEU A 14 -24.91 17.06 -8.57
C LEU A 14 -23.62 16.76 -9.31
N ARG A 15 -22.79 17.79 -9.51
CA ARG A 15 -21.49 17.60 -10.17
C ARG A 15 -20.53 16.73 -9.38
N GLY A 16 -20.57 16.87 -8.05
CA GLY A 16 -19.77 16.03 -7.15
C GLY A 16 -20.13 14.57 -7.28
N VAL A 17 -21.44 14.29 -7.31
CA VAL A 17 -21.92 12.93 -7.52
C VAL A 17 -21.63 12.43 -8.95
N ALA A 18 -21.73 13.34 -9.94
CA ALA A 18 -21.44 13.01 -11.32
C ALA A 18 -20.02 12.45 -11.48
N ARG A 19 -19.04 13.13 -10.89
CA ARG A 19 -17.63 12.69 -10.94
C ARG A 19 -17.31 11.41 -10.17
N GLN A 20 -18.04 11.14 -9.09
CA GLN A 20 -17.94 9.85 -8.40
C GLN A 20 -18.27 8.74 -9.37
N TYR A 21 -19.39 8.91 -10.09
CA TYR A 21 -19.80 7.94 -11.12
C TYR A 21 -18.80 7.81 -12.27
N ASN A 22 -18.25 8.94 -12.72
CA ASN A 22 -17.21 8.91 -13.76
C ASN A 22 -15.90 8.25 -13.30
N VAL A 23 -15.49 8.54 -12.07
CA VAL A 23 -14.32 7.88 -11.47
C VAL A 23 -14.53 6.34 -11.42
N GLU A 24 -15.67 5.91 -10.90
CA GLU A 24 -15.96 4.46 -10.76
C GLU A 24 -16.09 3.77 -12.12
N SER A 25 -16.72 4.45 -13.08
CA SER A 25 -16.74 3.99 -14.46
C SER A 25 -15.33 3.65 -14.97
N SER A 26 -14.40 4.61 -14.85
CA SER A 26 -13.05 4.34 -15.32
C SER A 26 -12.29 3.33 -14.44
N ASN A 27 -12.53 3.33 -13.13
CA ASN A 27 -12.06 2.24 -12.25
C ASN A 27 -12.44 0.82 -12.76
N VAL A 28 -13.65 0.69 -13.31
CA VAL A 28 -14.13 -0.60 -13.83
C VAL A 28 -13.41 -0.95 -15.14
N THR A 29 -13.28 0.03 -16.04
CA THR A 29 -12.53 -0.19 -17.26
C THR A 29 -11.09 -0.55 -16.97
N GLU A 30 -10.47 0.17 -16.05
CA GLU A 30 -9.08 -0.06 -15.69
C GLU A 30 -8.87 -1.44 -15.02
N LEU A 31 -9.84 -1.84 -14.20
CA LEU A 31 -9.87 -3.19 -13.63
C LEU A 31 -9.93 -4.29 -14.70
N ILE A 32 -10.87 -4.16 -15.64
CA ILE A 32 -10.99 -5.12 -16.74
C ILE A 32 -9.66 -5.28 -17.46
N ALA A 33 -8.93 -4.17 -17.66
CA ALA A 33 -7.65 -4.20 -18.37
C ALA A 33 -6.59 -4.94 -17.55
N ARG A 34 -6.59 -4.73 -16.25
CA ARG A 34 -5.64 -5.44 -15.39
C ARG A 34 -5.96 -6.95 -15.39
N LEU A 35 -7.25 -7.30 -15.32
CA LEU A 35 -7.70 -8.71 -15.27
C LEU A 35 -7.43 -9.44 -16.62
N ASP A 36 -7.60 -8.71 -17.71
CA ASP A 36 -7.26 -9.21 -19.04
C ASP A 36 -5.80 -9.63 -19.12
N GLN A 37 -4.88 -8.77 -18.68
CA GLN A 37 -3.48 -9.10 -18.64
C GLN A 37 -3.22 -10.30 -17.71
N MET A 38 -3.78 -10.24 -16.51
CA MET A 38 -3.65 -11.33 -15.55
C MET A 38 -4.13 -12.69 -16.11
N SER A 39 -5.28 -12.72 -16.78
CA SER A 39 -5.77 -13.93 -17.42
C SER A 39 -4.75 -14.50 -18.45
N HIS A 40 -4.11 -13.60 -19.18
CA HIS A 40 -3.08 -14.00 -20.16
C HIS A 40 -1.91 -14.62 -19.45
N THR A 41 -1.43 -13.97 -18.39
CA THR A 41 -0.35 -14.47 -17.57
C THR A 41 -0.69 -15.85 -17.00
N LEU A 42 -1.92 -15.99 -16.55
CA LEU A 42 -2.35 -17.25 -15.92
C LEU A 42 -2.32 -18.40 -16.91
N GLN A 43 -2.75 -18.16 -18.14
CA GLN A 43 -2.61 -19.19 -19.18
C GLN A 43 -1.18 -19.75 -19.37
N GLY A 44 -0.17 -18.93 -19.13
CA GLY A 44 1.22 -19.37 -19.20
C GLY A 44 1.72 -20.13 -17.97
N ILE A 45 0.97 -20.05 -16.87
CA ILE A 45 1.43 -20.65 -15.62
C ILE A 45 0.86 -22.06 -15.51
N TRP A 46 -0.41 -22.20 -15.86
CA TRP A 46 -1.11 -23.46 -15.67
C TRP A 46 -1.57 -24.08 -16.96
N GLU A 47 -1.79 -25.40 -16.88
CA GLU A 47 -2.56 -26.11 -17.88
C GLU A 47 -3.55 -27.03 -17.16
N GLY A 48 -4.47 -27.63 -17.89
CA GLY A 48 -5.31 -28.69 -17.35
C GLY A 48 -6.68 -28.15 -17.00
N ALA A 49 -7.62 -29.04 -16.69
CA ALA A 49 -9.02 -28.69 -16.58
C ALA A 49 -9.37 -27.64 -15.51
N SER A 50 -8.66 -27.62 -14.38
CA SER A 50 -8.96 -26.62 -13.36
C SER A 50 -8.68 -25.19 -13.83
N SER A 51 -7.54 -25.00 -14.51
CA SER A 51 -7.24 -23.69 -15.11
C SER A 51 -8.20 -23.29 -16.24
N GLU A 52 -8.56 -24.26 -17.09
N GLU A 52 -8.58 -24.24 -17.10
CA GLU A 52 -9.54 -24.02 -18.15
CA GLU A 52 -9.55 -23.88 -18.14
C GLU A 52 -10.91 -23.56 -17.58
C GLU A 52 -10.92 -23.51 -17.57
N ALA A 53 -11.32 -24.17 -16.48
CA ALA A 53 -12.59 -23.84 -15.80
C ALA A 53 -12.55 -22.43 -15.19
N PHE A 54 -11.39 -22.07 -14.63
CA PHE A 54 -11.20 -20.70 -14.10
C PHE A 54 -11.27 -19.68 -15.24
N ILE A 55 -10.62 -19.98 -16.35
CA ILE A 55 -10.53 -18.99 -17.42
C ILE A 55 -11.91 -18.81 -18.07
N GLN A 56 -12.64 -19.91 -18.18
CA GLN A 56 -14.00 -19.87 -18.74
C GLN A 56 -14.96 -19.09 -17.85
N GLN A 57 -14.73 -19.12 -16.55
CA GLN A 57 -15.54 -18.31 -15.61
C GLN A 57 -15.25 -16.82 -15.81
N TYR A 58 -13.98 -16.45 -15.94
CA TYR A 58 -13.60 -15.07 -16.20
C TYR A 58 -14.24 -14.55 -17.48
N GLN A 59 -14.18 -15.36 -18.55
CA GLN A 59 -14.84 -15.01 -19.81
C GLN A 59 -16.36 -14.88 -19.67
N GLU A 60 -16.98 -15.72 -18.84
CA GLU A 60 -18.40 -15.62 -18.61
C GLU A 60 -18.82 -14.34 -17.84
N LEU A 61 -17.95 -13.84 -16.98
CA LEU A 61 -18.26 -12.69 -16.10
C LEU A 61 -17.89 -11.32 -16.70
N ARG A 62 -16.84 -11.33 -17.54
CA ARG A 62 -16.33 -10.14 -18.20
C ARG A 62 -17.41 -9.23 -18.84
N PRO A 63 -18.36 -9.79 -19.62
CA PRO A 63 -19.41 -8.93 -20.22
C PRO A 63 -20.18 -8.08 -19.20
N SER A 64 -20.47 -8.66 -18.03
CA SER A 64 -21.09 -7.88 -16.93
C SER A 64 -20.30 -6.67 -16.47
N PHE A 65 -18.98 -6.80 -16.43
CA PHE A 65 -18.08 -5.69 -16.11
C PHE A 65 -18.10 -4.57 -17.17
N GLU A 66 -18.08 -4.97 -18.45
CA GLU A 66 -18.19 -3.97 -19.53
C GLU A 66 -19.50 -3.21 -19.43
N LYS A 67 -20.60 -3.91 -19.19
CA LYS A 67 -21.92 -3.30 -19.02
C LYS A 67 -21.93 -2.32 -17.84
N MET A 68 -21.34 -2.74 -16.71
CA MET A 68 -21.25 -1.83 -15.54
C MET A 68 -20.53 -0.55 -15.87
N ALA A 69 -19.37 -0.63 -16.53
CA ALA A 69 -18.67 0.62 -16.90
C ALA A 69 -19.54 1.52 -17.78
N VAL A 70 -20.29 0.93 -18.71
CA VAL A 70 -21.20 1.69 -19.57
C VAL A 70 -22.30 2.35 -18.70
N LEU A 71 -22.98 1.56 -17.87
CA LEU A 71 -24.00 2.08 -16.96
C LEU A 71 -23.50 3.26 -16.11
N LEU A 72 -22.34 3.11 -15.48
CA LEU A 72 -21.79 4.16 -14.62
C LEU A 72 -21.47 5.45 -15.36
N ASN A 73 -20.96 5.30 -16.59
CA ASN A 73 -20.66 6.48 -17.37
C ASN A 73 -21.91 7.28 -17.78
N GLU A 74 -22.98 6.56 -18.16
CA GLU A 74 -24.26 7.18 -18.52
C GLU A 74 -24.81 7.96 -17.34
N VAL A 75 -24.79 7.37 -16.14
CA VAL A 75 -25.27 8.07 -14.95
C VAL A 75 -24.47 9.35 -14.76
N GLY A 76 -23.15 9.27 -14.91
CA GLY A 76 -22.26 10.42 -14.72
C GLY A 76 -22.58 11.55 -15.69
N GLN A 77 -22.67 11.22 -16.97
CA GLN A 77 -23.08 12.17 -18.01
C GLN A 77 -24.44 12.83 -17.70
N GLN A 78 -25.42 12.04 -17.26
CA GLN A 78 -26.77 12.54 -16.97
C GLN A 78 -26.80 13.45 -15.76
N LEU A 79 -25.97 13.14 -14.77
CA LEU A 79 -25.86 13.97 -13.57
C LEU A 79 -25.22 15.32 -13.96
N HIS A 80 -24.13 15.26 -14.72
CA HIS A 80 -23.54 16.46 -15.31
C HIS A 80 -24.56 17.28 -16.05
N ASN A 81 -25.34 16.63 -16.92
CA ASN A 81 -26.40 17.28 -17.68
C ASN A 81 -27.41 17.99 -16.78
N SER A 82 -27.92 17.27 -15.78
CA SER A 82 -28.86 17.82 -14.78
C SER A 82 -28.35 19.07 -14.09
N ALA A 83 -27.08 19.03 -13.68
CA ALA A 83 -26.46 20.11 -12.94
C ALA A 83 -26.54 21.42 -13.73
N THR A 84 -26.21 21.32 -15.02
CA THR A 84 -26.15 22.43 -15.96
C THR A 84 -27.54 23.02 -16.15
N ILE A 85 -28.49 22.14 -16.42
CA ILE A 85 -29.90 22.50 -16.60
C ILE A 85 -30.43 23.28 -15.39
N LEU A 86 -30.18 22.75 -14.20
CA LEU A 86 -30.61 23.39 -12.96
C LEU A 86 -29.94 24.76 -12.78
N GLU A 87 -28.63 24.83 -13.08
CA GLU A 87 -27.83 26.05 -12.93
C GLU A 87 -28.37 27.16 -13.82
N ASP A 88 -28.68 26.77 -15.05
CA ASP A 88 -29.11 27.69 -16.10
C ASP A 88 -30.58 28.09 -15.88
N THR A 89 -31.41 27.12 -15.50
CA THR A 89 -32.81 27.36 -15.14
C THR A 89 -32.93 28.33 -13.95
N ASP A 90 -32.09 28.13 -12.94
CA ASP A 90 -32.07 29.03 -11.78
C ASP A 90 -31.59 30.44 -12.13
N GLN A 91 -30.56 30.54 -12.95
CA GLN A 91 -30.04 31.84 -13.39
C GLN A 91 -31.07 32.64 -14.19
N GLN A 92 -31.72 31.95 -15.15
CA GLN A 92 -32.81 32.50 -15.94
C GLN A 92 -33.98 32.95 -15.06
N ILE A 93 -34.37 32.13 -14.09
CA ILE A 93 -35.43 32.50 -13.13
C ILE A 93 -35.04 33.73 -12.31
N ALA A 94 -33.85 33.72 -11.73
CA ALA A 94 -33.36 34.89 -11.00
C ALA A 94 -33.51 36.15 -11.86
N SER A 95 -33.07 36.06 -13.12
CA SER A 95 -33.15 37.18 -14.07
C SER A 95 -34.56 37.68 -14.29
N GLN A 96 -35.48 36.74 -14.53
CA GLN A 96 -36.89 37.05 -14.73
C GLN A 96 -37.41 37.91 -13.61
N ILE A 97 -37.26 37.42 -12.38
CA ILE A 97 -37.84 38.03 -11.18
C ILE A 97 -37.27 39.42 -10.90
N ARG A 98 -35.98 39.60 -11.19
CA ARG A 98 -35.34 40.91 -11.07
C ARG A 98 -35.80 41.83 -12.20
N VAL B 6 9.93 -19.42 -24.03
CA VAL B 6 9.01 -19.88 -22.95
C VAL B 6 9.63 -19.63 -21.57
N ILE B 7 8.78 -19.43 -20.56
CA ILE B 7 9.25 -19.09 -19.23
C ILE B 7 9.55 -20.36 -18.44
N ARG B 8 10.72 -20.38 -17.81
CA ARG B 8 10.99 -21.34 -16.78
C ARG B 8 10.43 -20.78 -15.46
N LEU B 9 9.26 -21.27 -15.05
CA LEU B 9 8.52 -20.63 -13.95
C LEU B 9 9.21 -20.74 -12.60
N THR B 10 9.03 -19.70 -11.77
CA THR B 10 9.55 -19.72 -10.40
C THR B 10 8.45 -19.51 -9.34
N PRO B 11 8.69 -19.98 -8.11
CA PRO B 11 7.71 -19.77 -7.04
C PRO B 11 7.42 -18.29 -6.79
N GLU B 12 8.43 -17.42 -6.84
N GLU B 12 8.45 -17.44 -6.86
CA GLU B 12 8.18 -15.98 -6.63
CA GLU B 12 8.30 -15.96 -6.71
C GLU B 12 7.32 -15.35 -7.71
C GLU B 12 7.31 -15.40 -7.71
N GLU B 13 7.48 -15.78 -8.96
CA GLU B 13 6.59 -15.33 -10.03
C GLU B 13 5.15 -15.69 -9.72
N LEU B 14 4.93 -16.94 -9.33
CA LEU B 14 3.58 -17.41 -9.00
C LEU B 14 2.96 -16.68 -7.82
N ARG B 15 3.76 -16.46 -6.76
CA ARG B 15 3.26 -15.71 -5.60
C ARG B 15 2.93 -14.26 -5.95
N GLY B 16 3.78 -13.66 -6.77
CA GLY B 16 3.50 -12.32 -7.33
C GLY B 16 2.14 -12.24 -8.00
N VAL B 17 1.85 -13.21 -8.86
CA VAL B 17 0.58 -13.24 -9.56
C VAL B 17 -0.57 -13.58 -8.59
N ALA B 18 -0.31 -14.46 -7.63
CA ALA B 18 -1.33 -14.76 -6.61
C ALA B 18 -1.73 -13.48 -5.86
N ARG B 19 -0.74 -12.67 -5.52
CA ARG B 19 -1.03 -11.42 -4.80
C ARG B 19 -1.85 -10.45 -5.63
N GLN B 20 -1.62 -10.40 -6.93
CA GLN B 20 -2.46 -9.60 -7.83
C GLN B 20 -3.90 -10.05 -7.82
N TYR B 21 -4.11 -11.36 -7.93
CA TYR B 21 -5.48 -11.88 -7.84
C TYR B 21 -6.18 -11.52 -6.51
N ASN B 22 -5.47 -11.64 -5.40
CA ASN B 22 -6.09 -11.25 -4.10
C ASN B 22 -6.30 -9.76 -3.97
N VAL B 23 -5.36 -8.97 -4.47
CA VAL B 23 -5.56 -7.53 -4.55
C VAL B 23 -6.80 -7.18 -5.41
N GLU B 24 -6.91 -7.77 -6.58
CA GLU B 24 -8.03 -7.41 -7.44
C GLU B 24 -9.36 -7.89 -6.86
N SER B 25 -9.36 -9.00 -6.12
CA SER B 25 -10.57 -9.42 -5.45
C SER B 25 -11.03 -8.30 -4.46
N SER B 26 -10.09 -7.77 -3.67
CA SER B 26 -10.39 -6.65 -2.73
C SER B 26 -10.92 -5.43 -3.42
N ASN B 27 -10.27 -5.03 -4.52
CA ASN B 27 -10.77 -3.95 -5.34
C ASN B 27 -12.20 -4.12 -5.82
N VAL B 28 -12.60 -5.35 -6.18
CA VAL B 28 -13.98 -5.64 -6.59
C VAL B 28 -14.99 -5.42 -5.44
N THR B 29 -14.73 -5.98 -4.24
CA THR B 29 -15.70 -5.80 -3.17
C THR B 29 -15.73 -4.36 -2.63
N GLU B 30 -14.58 -3.71 -2.59
CA GLU B 30 -14.52 -2.28 -2.24
C GLU B 30 -15.35 -1.45 -3.22
N LEU B 31 -15.20 -1.74 -4.51
CA LEU B 31 -15.99 -1.04 -5.51
C LEU B 31 -17.48 -1.28 -5.36
N ILE B 32 -17.88 -2.51 -5.15
CA ILE B 32 -19.29 -2.79 -4.94
C ILE B 32 -19.86 -2.02 -3.73
N ALA B 33 -19.12 -2.02 -2.63
CA ALA B 33 -19.50 -1.27 -1.45
C ALA B 33 -19.67 0.23 -1.77
N ARG B 34 -18.74 0.81 -2.51
CA ARG B 34 -18.87 2.22 -2.91
C ARG B 34 -20.06 2.49 -3.85
N LEU B 35 -20.24 1.63 -4.85
CA LEU B 35 -21.42 1.70 -5.71
C LEU B 35 -22.73 1.45 -4.95
N ASP B 36 -22.72 0.60 -3.93
CA ASP B 36 -23.93 0.40 -3.14
C ASP B 36 -24.37 1.72 -2.48
N GLN B 37 -23.41 2.43 -1.92
CA GLN B 37 -23.70 3.71 -1.27
C GLN B 37 -24.05 4.82 -2.29
N MET B 38 -23.30 4.88 -3.39
CA MET B 38 -23.66 5.76 -4.52
C MET B 38 -25.07 5.56 -5.06
N SER B 39 -25.60 4.34 -4.98
CA SER B 39 -26.96 4.07 -5.37
C SER B 39 -27.96 4.76 -4.44
N HIS B 40 -27.69 4.71 -3.14
CA HIS B 40 -28.52 5.44 -2.16
C HIS B 40 -28.45 6.92 -2.37
N THR B 41 -27.25 7.45 -2.57
CA THR B 41 -27.08 8.88 -2.88
C THR B 41 -27.93 9.26 -4.10
N LEU B 42 -27.88 8.40 -5.12
CA LEU B 42 -28.61 8.67 -6.36
C LEU B 42 -30.12 8.68 -6.14
N GLN B 43 -30.61 7.74 -5.34
CA GLN B 43 -32.02 7.71 -4.95
C GLN B 43 -32.52 9.00 -4.30
N GLY B 44 -31.65 9.70 -3.59
CA GLY B 44 -32.03 10.93 -2.92
C GLY B 44 -31.98 12.15 -3.82
N ILE B 45 -31.14 12.12 -4.85
CA ILE B 45 -30.90 13.32 -5.67
C ILE B 45 -31.68 13.36 -6.98
N TRP B 46 -32.22 12.23 -7.41
CA TRP B 46 -33.12 12.17 -8.56
C TRP B 46 -34.45 11.76 -8.11
N GLU B 47 -35.45 12.02 -8.95
CA GLU B 47 -36.80 11.49 -8.76
C GLU B 47 -36.76 9.96 -8.86
N GLY B 48 -37.92 9.35 -8.61
CA GLY B 48 -38.06 7.89 -8.52
C GLY B 48 -37.78 7.07 -9.77
N ALA B 49 -38.19 7.56 -10.94
CA ALA B 49 -38.09 6.76 -12.18
C ALA B 49 -36.68 6.71 -12.75
N SER B 50 -35.98 7.85 -12.74
CA SER B 50 -34.58 7.88 -13.14
C SER B 50 -33.73 6.98 -12.22
N SER B 51 -34.06 7.01 -10.93
CA SER B 51 -33.43 6.16 -9.91
C SER B 51 -33.74 4.67 -10.10
N GLU B 52 -35.00 4.37 -10.37
CA GLU B 52 -35.45 2.99 -10.60
C GLU B 52 -34.82 2.37 -11.87
N ALA B 53 -34.44 3.25 -12.80
CA ALA B 53 -33.84 2.80 -14.06
C ALA B 53 -32.41 2.32 -13.79
N PHE B 54 -31.67 3.10 -12.99
CA PHE B 54 -30.33 2.72 -12.59
C PHE B 54 -30.32 1.48 -11.70
N ILE B 55 -31.18 1.45 -10.67
CA ILE B 55 -31.14 0.39 -9.65
C ILE B 55 -31.38 -1.00 -10.18
N GLN B 56 -32.32 -1.10 -11.12
CA GLN B 56 -32.69 -2.38 -11.71
C GLN B 56 -31.53 -2.98 -12.50
N GLN B 57 -30.84 -2.17 -13.29
CA GLN B 57 -29.67 -2.63 -14.04
C GLN B 57 -28.49 -2.91 -13.13
N TYR B 58 -28.21 -2.00 -12.21
CA TYR B 58 -27.17 -2.18 -11.21
C TYR B 58 -27.32 -3.51 -10.45
N GLN B 59 -28.50 -3.72 -9.86
CA GLN B 59 -28.76 -4.96 -9.13
C GLN B 59 -28.72 -6.23 -10.00
N GLU B 60 -28.98 -6.10 -11.29
CA GLU B 60 -28.81 -7.22 -12.22
C GLU B 60 -27.33 -7.62 -12.38
N LEU B 61 -26.43 -6.63 -12.29
CA LEU B 61 -25.03 -6.88 -12.56
C LEU B 61 -24.23 -7.19 -11.30
N ARG B 62 -24.70 -6.71 -10.17
CA ARG B 62 -23.99 -6.85 -8.91
C ARG B 62 -23.61 -8.30 -8.59
N PRO B 63 -24.52 -9.29 -8.80
CA PRO B 63 -24.13 -10.62 -8.38
C PRO B 63 -22.92 -11.17 -9.18
N SER B 64 -22.71 -10.68 -10.40
CA SER B 64 -21.62 -11.15 -11.21
C SER B 64 -20.30 -10.57 -10.69
N PHE B 65 -20.36 -9.39 -10.08
CA PHE B 65 -19.19 -8.85 -9.40
C PHE B 65 -18.83 -9.69 -8.18
N GLU B 66 -19.82 -10.18 -7.43
CA GLU B 66 -19.50 -11.02 -6.28
C GLU B 66 -18.90 -12.34 -6.77
N LYS B 67 -19.39 -12.83 -7.90
CA LYS B 67 -18.82 -14.04 -8.48
C LYS B 67 -17.37 -13.82 -8.92
N MET B 68 -17.08 -12.64 -9.45
CA MET B 68 -15.71 -12.34 -9.84
C MET B 68 -14.81 -12.32 -8.60
N ALA B 69 -15.29 -11.69 -7.53
CA ALA B 69 -14.49 -11.63 -6.32
C ALA B 69 -14.20 -13.05 -5.79
N VAL B 70 -15.17 -13.95 -5.82
CA VAL B 70 -14.92 -15.33 -5.40
C VAL B 70 -13.87 -15.97 -6.31
N LEU B 71 -14.09 -15.84 -7.62
CA LEU B 71 -13.14 -16.44 -8.60
C LEU B 71 -11.71 -15.99 -8.40
N LEU B 72 -11.50 -14.67 -8.28
CA LEU B 72 -10.16 -14.13 -8.16
C LEU B 72 -9.49 -14.62 -6.88
N ASN B 73 -10.24 -14.69 -5.77
CA ASN B 73 -9.64 -15.28 -4.54
C ASN B 73 -9.31 -16.77 -4.66
N GLU B 74 -10.17 -17.53 -5.32
CA GLU B 74 -9.92 -18.97 -5.52
C GLU B 74 -8.66 -19.16 -6.37
N VAL B 75 -8.53 -18.37 -7.43
CA VAL B 75 -7.29 -18.37 -8.25
C VAL B 75 -6.08 -17.97 -7.40
N GLY B 76 -6.22 -16.92 -6.59
CA GLY B 76 -5.12 -16.49 -5.75
C GLY B 76 -4.68 -17.61 -4.84
N GLN B 77 -5.67 -18.30 -4.26
CA GLN B 77 -5.33 -19.36 -3.33
C GLN B 77 -4.62 -20.53 -4.06
N GLN B 78 -5.14 -20.93 -5.21
CA GLN B 78 -4.53 -22.06 -5.97
C GLN B 78 -3.12 -21.74 -6.50
N LEU B 79 -2.89 -20.47 -6.84
CA LEU B 79 -1.53 -19.99 -7.22
C LEU B 79 -0.53 -20.04 -6.07
N HIS B 80 -0.97 -19.64 -4.89
CA HIS B 80 -0.14 -19.84 -3.72
C HIS B 80 0.14 -21.30 -3.50
N ASN B 81 -0.86 -22.16 -3.64
CA ASN B 81 -0.64 -23.61 -3.48
C ASN B 81 0.38 -24.12 -4.51
N SER B 82 0.23 -23.67 -5.76
CA SER B 82 1.14 -24.12 -6.83
C SER B 82 2.54 -23.58 -6.60
N ALA B 83 2.66 -22.38 -6.05
CA ALA B 83 3.97 -21.82 -5.81
C ALA B 83 4.72 -22.67 -4.74
N THR B 84 4.02 -23.13 -3.71
CA THR B 84 4.63 -24.00 -2.71
C THR B 84 5.05 -25.32 -3.31
N ILE B 85 4.21 -25.86 -4.19
CA ILE B 85 4.53 -27.13 -4.89
C ILE B 85 5.76 -26.97 -5.75
N LEU B 86 5.82 -25.85 -6.46
CA LEU B 86 6.99 -25.57 -7.29
C LEU B 86 8.31 -25.39 -6.51
N GLU B 87 8.26 -24.62 -5.43
CA GLU B 87 9.42 -24.46 -4.54
C GLU B 87 9.93 -25.81 -4.00
N ASP B 88 8.98 -26.65 -3.62
CA ASP B 88 9.30 -27.98 -3.12
C ASP B 88 9.93 -28.82 -4.21
N THR B 89 9.29 -28.85 -5.37
CA THR B 89 9.80 -29.58 -6.52
C THR B 89 11.23 -29.12 -6.83
N ASP B 90 11.44 -27.81 -6.92
CA ASP B 90 12.80 -27.30 -7.16
C ASP B 90 13.84 -27.71 -6.09
N GLN B 91 13.45 -27.68 -4.83
CA GLN B 91 14.33 -28.04 -3.68
C GLN B 91 14.65 -29.52 -3.60
N GLN B 92 13.63 -30.34 -3.88
CA GLN B 92 13.82 -31.78 -4.00
C GLN B 92 14.91 -32.10 -5.02
N ILE B 93 14.74 -31.56 -6.24
N ILE B 93 14.80 -31.59 -6.25
CA ILE B 93 15.71 -31.76 -7.31
CA ILE B 93 15.83 -31.93 -7.23
C ILE B 93 17.11 -31.29 -6.88
C ILE B 93 17.19 -31.24 -6.95
N ALA B 94 17.16 -30.09 -6.30
CA ALA B 94 18.42 -29.41 -5.89
C ALA B 94 19.19 -30.15 -4.77
N SER B 95 18.44 -30.70 -3.81
CA SER B 95 18.99 -31.50 -2.70
C SER B 95 19.54 -32.87 -3.11
N GLN B 96 18.89 -33.52 -4.08
CA GLN B 96 19.02 -34.98 -4.27
C GLN B 96 20.41 -35.62 -4.07
N ILE B 97 21.39 -35.23 -4.89
CA ILE B 97 22.76 -35.84 -4.88
C ILE B 97 22.83 -37.32 -4.45
N THR C 10 36.68 -24.68 -24.02
CA THR C 10 38.00 -23.97 -23.95
C THR C 10 38.07 -23.05 -22.75
N PRO C 11 39.14 -23.17 -21.95
CA PRO C 11 39.42 -22.27 -20.83
C PRO C 11 39.37 -20.77 -21.18
N GLU C 12 40.22 -20.30 -22.11
CA GLU C 12 40.26 -18.86 -22.43
C GLU C 12 38.95 -18.33 -23.04
N GLU C 13 38.22 -19.20 -23.74
CA GLU C 13 36.93 -18.82 -24.27
C GLU C 13 35.86 -18.81 -23.18
N LEU C 14 36.07 -19.59 -22.12
CA LEU C 14 35.23 -19.51 -20.91
C LEU C 14 35.46 -18.21 -20.14
N ARG C 15 36.72 -17.77 -20.10
CA ARG C 15 37.08 -16.50 -19.48
C ARG C 15 36.47 -15.35 -20.25
N GLY C 16 36.49 -15.47 -21.58
CA GLY C 16 35.86 -14.49 -22.46
C GLY C 16 34.40 -14.22 -22.11
N VAL C 17 33.61 -15.29 -21.95
CA VAL C 17 32.20 -15.16 -21.61
C VAL C 17 32.02 -14.73 -20.15
N ALA C 18 32.78 -15.34 -19.24
CA ALA C 18 32.85 -14.85 -17.84
C ALA C 18 33.08 -13.34 -17.77
N ARG C 19 34.04 -12.83 -18.53
CA ARG C 19 34.31 -11.38 -18.55
C ARG C 19 33.12 -10.55 -19.08
N GLN C 20 32.39 -11.05 -20.07
CA GLN C 20 31.20 -10.36 -20.58
C GLN C 20 30.17 -10.19 -19.45
N TYR C 21 29.94 -11.26 -18.71
CA TYR C 21 29.06 -11.22 -17.53
C TYR C 21 29.49 -10.16 -16.54
N ASN C 22 30.77 -10.18 -16.15
CA ASN C 22 31.28 -9.15 -15.26
C ASN C 22 31.14 -7.73 -15.82
N VAL C 23 31.43 -7.53 -17.10
CA VAL C 23 31.24 -6.21 -17.74
C VAL C 23 29.76 -5.74 -17.71
N GLU C 24 28.85 -6.63 -18.08
CA GLU C 24 27.41 -6.29 -18.08
C GLU C 24 26.91 -6.04 -16.68
N SER C 25 27.47 -6.76 -15.70
CA SER C 25 27.17 -6.45 -14.30
C SER C 25 27.48 -4.98 -13.96
N SER C 26 28.67 -4.50 -14.34
CA SER C 26 29.00 -3.09 -14.12
C SER C 26 28.13 -2.16 -14.94
N ASN C 27 27.72 -2.57 -16.15
CA ASN C 27 26.83 -1.72 -16.96
C ASN C 27 25.50 -1.48 -16.24
N VAL C 28 24.95 -2.52 -15.64
CA VAL C 28 23.71 -2.42 -14.90
C VAL C 28 23.88 -1.46 -13.72
N THR C 29 24.91 -1.67 -12.90
CA THR C 29 25.17 -0.78 -11.76
C THR C 29 25.30 0.70 -12.18
N GLU C 30 26.00 0.95 -13.28
CA GLU C 30 26.16 2.31 -13.84
C GLU C 30 24.87 2.89 -14.42
N LEU C 31 24.09 2.05 -15.10
CA LEU C 31 22.77 2.45 -15.56
C LEU C 31 21.90 2.92 -14.38
N ILE C 32 21.96 2.19 -13.26
CA ILE C 32 21.16 2.54 -12.08
C ILE C 32 21.50 3.94 -11.53
N ALA C 33 22.80 4.27 -11.47
CA ALA C 33 23.25 5.61 -11.03
C ALA C 33 22.72 6.69 -11.94
N ARG C 34 22.71 6.45 -13.24
CA ARG C 34 22.24 7.45 -14.16
C ARG C 34 20.74 7.70 -13.97
N LEU C 35 19.99 6.60 -13.88
CA LEU C 35 18.54 6.66 -13.66
C LEU C 35 18.21 7.36 -12.33
N ASP C 36 18.95 7.04 -11.28
CA ASP C 36 18.82 7.76 -10.00
C ASP C 36 18.91 9.28 -10.16
N GLN C 37 19.94 9.75 -10.86
CA GLN C 37 20.09 11.19 -11.02
C GLN C 37 18.95 11.77 -11.87
N MET C 38 18.50 11.00 -12.87
CA MET C 38 17.43 11.47 -13.76
C MET C 38 16.09 11.61 -13.01
N SER C 39 15.84 10.66 -12.12
CA SER C 39 14.67 10.70 -11.25
C SER C 39 14.55 11.97 -10.39
N HIS C 40 15.67 12.41 -9.82
N HIS C 40 15.67 12.41 -9.81
CA HIS C 40 15.73 13.65 -9.05
CA HIS C 40 15.70 13.65 -9.04
C HIS C 40 15.39 14.84 -9.91
C HIS C 40 15.42 14.87 -9.88
N THR C 41 15.96 14.88 -11.10
CA THR C 41 15.69 15.95 -12.09
C THR C 41 14.19 16.05 -12.38
N LEU C 42 13.53 14.91 -12.53
CA LEU C 42 12.12 14.88 -12.86
C LEU C 42 11.31 15.53 -11.73
N GLN C 43 11.72 15.30 -10.49
CA GLN C 43 11.02 15.89 -9.32
C GLN C 43 10.98 17.42 -9.35
N GLY C 44 12.02 18.05 -9.90
CA GLY C 44 12.04 19.48 -10.10
C GLY C 44 11.24 19.97 -11.31
N ILE C 45 10.89 19.08 -12.24
CA ILE C 45 10.12 19.52 -13.44
C ILE C 45 8.62 19.48 -13.20
N TRP C 46 8.18 18.40 -12.54
CA TRP C 46 6.76 18.14 -12.41
C TRP C 46 6.38 18.10 -10.97
N GLU C 47 5.10 18.38 -10.72
CA GLU C 47 4.37 18.02 -9.48
C GLU C 47 3.13 17.17 -9.82
N GLY C 48 2.53 16.54 -8.81
CA GLY C 48 1.19 15.96 -8.96
C GLY C 48 1.09 14.47 -9.14
N ALA C 49 -0.15 14.02 -9.39
CA ALA C 49 -0.53 12.60 -9.43
C ALA C 49 0.23 11.76 -10.45
N SER C 50 0.29 12.21 -11.71
CA SER C 50 0.98 11.41 -12.74
C SER C 50 2.49 11.30 -12.47
N SER C 51 3.13 12.40 -12.07
N SER C 51 3.11 12.41 -12.06
CA SER C 51 4.56 12.38 -11.79
CA SER C 51 4.53 12.46 -11.75
C SER C 51 4.90 11.43 -10.64
C SER C 51 4.90 11.49 -10.63
N GLU C 52 4.13 11.50 -9.55
CA GLU C 52 4.39 10.62 -8.39
C GLU C 52 4.27 9.15 -8.76
N ALA C 53 3.27 8.83 -9.61
CA ALA C 53 3.04 7.49 -10.15
C ALA C 53 4.28 7.00 -10.89
N PHE C 54 4.85 7.86 -11.74
CA PHE C 54 6.10 7.55 -12.46
C PHE C 54 7.27 7.24 -11.52
N ILE C 55 7.50 8.11 -10.53
CA ILE C 55 8.58 7.95 -9.54
C ILE C 55 8.45 6.65 -8.76
N GLN C 56 7.23 6.39 -8.29
CA GLN C 56 6.88 5.19 -7.53
C GLN C 56 7.15 3.92 -8.38
N GLN C 57 6.83 3.99 -9.66
CA GLN C 57 7.12 2.88 -10.56
C GLN C 57 8.63 2.61 -10.64
N TYR C 58 9.41 3.67 -10.82
CA TYR C 58 10.86 3.52 -10.78
C TYR C 58 11.38 2.89 -9.49
N GLN C 59 10.87 3.32 -8.35
CA GLN C 59 11.31 2.77 -7.06
C GLN C 59 10.94 1.30 -6.88
N GLU C 60 9.81 0.90 -7.44
CA GLU C 60 9.44 -0.50 -7.35
C GLU C 60 10.31 -1.42 -8.24
N LEU C 61 10.85 -0.87 -9.31
CA LEU C 61 11.63 -1.66 -10.26
C LEU C 61 13.10 -1.73 -9.88
N ARG C 62 13.57 -0.71 -9.15
CA ARG C 62 15.00 -0.62 -8.80
C ARG C 62 15.63 -1.88 -8.17
N PRO C 63 15.01 -2.48 -7.14
CA PRO C 63 15.63 -3.70 -6.58
C PRO C 63 15.82 -4.90 -7.55
N SER C 64 15.07 -4.94 -8.63
CA SER C 64 15.28 -5.97 -9.68
C SER C 64 16.54 -5.72 -10.47
N PHE C 65 16.84 -4.44 -10.68
CA PHE C 65 18.07 -4.04 -11.34
C PHE C 65 19.27 -4.41 -10.52
N GLU C 66 19.18 -4.17 -9.22
CA GLU C 66 20.25 -4.53 -8.28
C GLU C 66 20.46 -6.03 -8.23
N LYS C 67 19.38 -6.83 -8.22
CA LYS C 67 19.51 -8.27 -8.27
C LYS C 67 20.12 -8.76 -9.58
N MET C 68 19.79 -8.12 -10.69
CA MET C 68 20.40 -8.47 -11.99
C MET C 68 21.92 -8.30 -11.91
N ALA C 69 22.40 -7.15 -11.41
CA ALA C 69 23.86 -6.93 -11.27
C ALA C 69 24.54 -8.03 -10.46
N VAL C 70 23.95 -8.35 -9.32
CA VAL C 70 24.42 -9.44 -8.46
C VAL C 70 24.45 -10.77 -9.22
N LEU C 71 23.37 -11.04 -9.96
CA LEU C 71 23.29 -12.30 -10.70
C LEU C 71 24.38 -12.42 -11.74
N LEU C 72 24.61 -11.34 -12.50
CA LEU C 72 25.57 -11.38 -13.59
C LEU C 72 26.99 -11.57 -13.03
N ASN C 73 27.28 -10.86 -11.94
CA ASN C 73 28.56 -11.01 -11.22
C ASN C 73 28.84 -12.42 -10.72
N GLU C 74 27.81 -13.06 -10.10
CA GLU C 74 27.91 -14.47 -9.66
C GLU C 74 28.34 -15.39 -10.80
N VAL C 75 27.67 -15.24 -11.93
CA VAL C 75 27.95 -16.08 -13.10
C VAL C 75 29.38 -15.87 -13.59
N GLY C 76 29.76 -14.61 -13.81
CA GLY C 76 31.11 -14.28 -14.27
C GLY C 76 32.15 -14.90 -13.35
N GLN C 77 32.00 -14.70 -12.05
CA GLN C 77 32.95 -15.26 -11.09
C GLN C 77 33.06 -16.78 -11.18
N GLN C 78 31.93 -17.45 -11.29
CA GLN C 78 31.95 -18.91 -11.35
C GLN C 78 32.59 -19.45 -12.63
N LEU C 79 32.21 -18.89 -13.77
CA LEU C 79 32.78 -19.27 -15.07
C LEU C 79 34.28 -19.03 -15.07
N HIS C 80 34.68 -17.89 -14.51
CA HIS C 80 36.08 -17.56 -14.38
C HIS C 80 36.82 -18.59 -13.58
N ASN C 81 36.25 -18.99 -12.43
CA ASN C 81 36.91 -20.01 -11.60
C ASN C 81 36.99 -21.40 -12.24
N SER C 82 35.89 -21.88 -12.82
CA SER C 82 35.92 -23.16 -13.52
C SER C 82 36.88 -23.14 -14.71
N ALA C 83 36.98 -21.98 -15.37
CA ALA C 83 37.99 -21.79 -16.43
C ALA C 83 39.42 -22.00 -15.90
N THR C 84 39.71 -21.41 -14.74
CA THR C 84 41.01 -21.51 -14.09
C THR C 84 41.39 -22.96 -13.74
N ILE C 85 40.46 -23.69 -13.09
CA ILE C 85 40.70 -25.06 -12.66
C ILE C 85 40.91 -26.00 -13.85
N LEU C 86 40.07 -25.84 -14.88
CA LEU C 86 40.20 -26.64 -16.11
C LEU C 86 41.55 -26.40 -16.78
N GLU C 87 41.95 -25.13 -16.87
CA GLU C 87 43.24 -24.76 -17.44
C GLU C 87 44.42 -25.30 -16.62
N ASP C 88 44.29 -25.25 -15.29
CA ASP C 88 45.30 -25.78 -14.39
C ASP C 88 45.54 -27.26 -14.64
N THR C 89 44.49 -28.06 -14.50
CA THR C 89 44.57 -29.51 -14.71
C THR C 89 45.17 -29.79 -16.06
N ASP C 90 44.59 -29.21 -17.10
CA ASP C 90 45.01 -29.41 -18.47
C ASP C 90 46.50 -29.17 -18.65
N GLN C 91 47.00 -28.11 -18.03
CA GLN C 91 48.41 -27.74 -18.15
C GLN C 91 49.28 -28.65 -17.30
N GLN C 92 48.76 -29.09 -16.15
CA GLN C 92 49.51 -29.92 -15.23
C GLN C 92 49.74 -31.32 -15.82
N ILE C 93 48.71 -31.85 -16.49
CA ILE C 93 48.79 -33.15 -17.16
C ILE C 93 49.72 -33.03 -18.37
N ALA C 94 49.49 -32.01 -19.19
CA ALA C 94 50.33 -31.77 -20.36
C ALA C 94 51.82 -31.78 -20.01
N SER C 95 52.15 -31.24 -18.83
CA SER C 95 53.53 -31.22 -18.32
C SER C 95 54.06 -32.60 -17.98
N GLN C 96 53.21 -33.45 -17.39
CA GLN C 96 53.52 -34.86 -17.14
C GLN C 96 53.77 -35.63 -18.45
N ILE C 97 52.95 -35.35 -19.46
CA ILE C 97 53.07 -36.00 -20.77
C ILE C 97 54.36 -35.57 -21.49
N ARG C 98 54.57 -34.26 -21.56
N ARG C 98 54.56 -34.25 -21.60
CA ARG C 98 55.70 -33.65 -22.28
CA ARG C 98 55.71 -33.68 -22.30
C ARG C 98 57.03 -33.95 -21.61
C ARG C 98 57.03 -34.03 -21.62
N GLY C 99 57.00 -34.17 -20.30
CA GLY C 99 58.20 -34.44 -19.52
C GLY C 99 58.67 -33.18 -18.81
N VAL D 6 13.87 30.38 -7.67
CA VAL D 6 14.29 29.45 -8.74
C VAL D 6 14.11 30.12 -10.12
N ILE D 7 14.88 29.67 -11.10
CA ILE D 7 14.79 30.17 -12.47
C ILE D 7 13.76 29.30 -13.19
N ARG D 8 12.85 29.92 -13.96
CA ARG D 8 11.81 29.15 -14.65
C ARG D 8 12.39 28.08 -15.59
N LEU D 9 11.64 27.00 -15.77
CA LEU D 9 11.93 25.96 -16.75
C LEU D 9 11.65 26.49 -18.16
N THR D 10 12.26 25.88 -19.17
CA THR D 10 12.04 26.30 -20.57
C THR D 10 11.70 25.08 -21.43
N PRO D 11 11.01 25.29 -22.56
CA PRO D 11 10.70 24.18 -23.46
C PRO D 11 11.95 23.39 -23.90
N GLU D 12 13.03 24.09 -24.21
CA GLU D 12 14.24 23.40 -24.68
C GLU D 12 14.89 22.54 -23.60
N GLU D 13 14.77 22.96 -22.34
CA GLU D 13 15.33 22.19 -21.24
C GLU D 13 14.54 20.92 -21.03
N LEU D 14 13.22 21.01 -21.11
CA LEU D 14 12.37 19.81 -20.98
C LEU D 14 12.62 18.80 -22.12
N ARG D 15 12.90 19.31 -23.32
CA ARG D 15 13.21 18.42 -24.45
C ARG D 15 14.56 17.75 -24.29
N GLY D 16 15.49 18.47 -23.69
CA GLY D 16 16.81 17.93 -23.30
C GLY D 16 16.68 16.74 -22.36
N VAL D 17 15.87 16.92 -21.33
CA VAL D 17 15.57 15.84 -20.39
C VAL D 17 14.79 14.67 -21.03
N ALA D 18 13.79 14.98 -21.86
CA ALA D 18 13.04 13.98 -22.59
C ALA D 18 13.98 13.06 -23.42
N ARG D 19 14.91 13.68 -24.14
CA ARG D 19 15.94 12.96 -24.91
C ARG D 19 16.80 12.03 -24.04
N GLN D 20 17.08 12.43 -22.79
CA GLN D 20 17.85 11.59 -21.90
C GLN D 20 17.07 10.34 -21.50
N TYR D 21 15.79 10.54 -21.18
CA TYR D 21 14.89 9.42 -20.91
C TYR D 21 14.81 8.43 -22.04
N ASN D 22 14.61 8.94 -23.25
CA ASN D 22 14.55 8.12 -24.46
C ASN D 22 15.83 7.35 -24.74
N VAL D 23 16.98 7.97 -24.48
CA VAL D 23 18.29 7.34 -24.62
C VAL D 23 18.45 6.20 -23.63
N GLU D 24 18.08 6.44 -22.36
CA GLU D 24 18.22 5.37 -21.39
C GLU D 24 17.24 4.23 -21.66
N SER D 25 16.07 4.53 -22.22
CA SER D 25 15.16 3.46 -22.62
C SER D 25 15.86 2.56 -23.65
N SER D 26 16.49 3.19 -24.65
N SER D 26 16.50 3.19 -24.64
CA SER D 26 17.27 2.47 -25.65
CA SER D 26 17.24 2.46 -25.67
C SER D 26 18.37 1.65 -25.02
C SER D 26 18.41 1.66 -25.08
N ASN D 27 19.09 2.23 -24.08
CA ASN D 27 20.18 1.51 -23.41
C ASN D 27 19.65 0.28 -22.70
N VAL D 28 18.48 0.38 -22.09
CA VAL D 28 17.85 -0.79 -21.43
C VAL D 28 17.56 -1.88 -22.44
N THR D 29 16.91 -1.54 -23.55
CA THR D 29 16.58 -2.63 -24.46
C THR D 29 17.84 -3.17 -25.18
N GLU D 30 18.85 -2.34 -25.45
CA GLU D 30 20.13 -2.89 -25.97
C GLU D 30 20.81 -3.79 -24.91
N LEU D 31 20.78 -3.40 -23.65
CA LEU D 31 21.32 -4.27 -22.61
C LEU D 31 20.61 -5.64 -22.57
N ILE D 32 19.28 -5.63 -22.64
CA ILE D 32 18.54 -6.87 -22.59
C ILE D 32 18.89 -7.71 -23.82
N ALA D 33 18.98 -7.08 -24.99
CA ALA D 33 19.40 -7.84 -26.20
C ALA D 33 20.75 -8.55 -26.02
N ARG D 34 21.72 -7.88 -25.39
CA ARG D 34 23.04 -8.52 -25.16
C ARG D 34 22.94 -9.63 -24.14
N LEU D 35 22.20 -9.41 -23.06
CA LEU D 35 22.04 -10.45 -22.05
C LEU D 35 21.24 -11.62 -22.59
N ASP D 36 20.26 -11.35 -23.45
CA ASP D 36 19.58 -12.47 -24.13
C ASP D 36 20.58 -13.32 -24.94
N GLN D 37 21.47 -12.67 -25.69
CA GLN D 37 22.50 -13.40 -26.49
C GLN D 37 23.48 -14.21 -25.61
N MET D 38 23.86 -13.62 -24.49
CA MET D 38 24.72 -14.28 -23.51
C MET D 38 24.07 -15.49 -22.83
N SER D 39 22.79 -15.38 -22.50
CA SER D 39 22.11 -16.53 -21.91
C SER D 39 22.01 -17.67 -22.92
N HIS D 40 21.95 -17.34 -24.21
CA HIS D 40 21.99 -18.38 -25.25
C HIS D 40 23.35 -19.02 -25.30
N THR D 41 24.41 -18.22 -25.31
CA THR D 41 25.78 -18.74 -25.20
C THR D 41 25.98 -19.59 -23.95
N LEU D 42 25.60 -19.06 -22.79
CA LEU D 42 25.68 -19.78 -21.52
C LEU D 42 24.99 -21.15 -21.59
N GLN D 43 23.82 -21.18 -22.20
CA GLN D 43 23.10 -22.44 -22.45
C GLN D 43 23.97 -23.46 -23.17
N GLY D 44 24.70 -23.00 -24.18
CA GLY D 44 25.53 -23.87 -25.02
C GLY D 44 26.78 -24.39 -24.34
N ILE D 45 27.16 -23.78 -23.23
CA ILE D 45 28.30 -24.25 -22.43
C ILE D 45 27.85 -25.27 -21.37
N TRP D 46 26.92 -24.86 -20.51
N TRP D 46 26.90 -24.86 -20.53
CA TRP D 46 26.52 -25.65 -19.34
CA TRP D 46 26.48 -25.63 -19.36
C TRP D 46 25.51 -26.73 -19.60
C TRP D 46 25.68 -26.86 -19.67
N GLU D 47 25.39 -27.62 -18.61
CA GLU D 47 24.45 -28.74 -18.67
C GLU D 47 23.18 -28.30 -17.92
N GLY D 48 22.43 -29.27 -17.39
CA GLY D 48 21.10 -29.04 -16.85
C GLY D 48 20.94 -28.06 -15.69
N ALA D 49 21.65 -28.31 -14.59
CA ALA D 49 21.37 -27.60 -13.33
C ALA D 49 21.67 -26.10 -13.38
N SER D 50 22.87 -25.74 -13.82
CA SER D 50 23.33 -24.33 -13.78
C SER D 50 22.61 -23.45 -14.78
N SER D 51 22.48 -23.95 -16.01
N SER D 51 22.46 -23.94 -16.01
CA SER D 51 21.64 -23.34 -17.04
CA SER D 51 21.64 -23.26 -17.01
C SER D 51 20.23 -23.09 -16.52
C SER D 51 20.21 -23.07 -16.53
N GLU D 52 19.58 -24.13 -16.01
CA GLU D 52 18.22 -23.97 -15.46
C GLU D 52 18.15 -22.91 -14.39
N ALA D 53 19.05 -22.96 -13.39
CA ALA D 53 19.03 -21.98 -12.31
C ALA D 53 19.22 -20.58 -12.87
N PHE D 54 20.20 -20.40 -13.76
CA PHE D 54 20.47 -19.06 -14.26
C PHE D 54 19.29 -18.52 -15.07
N ILE D 55 18.79 -19.32 -16.00
CA ILE D 55 17.72 -18.84 -16.87
C ILE D 55 16.45 -18.56 -16.10
N GLN D 56 16.13 -19.38 -15.09
CA GLN D 56 14.97 -19.10 -14.22
C GLN D 56 15.07 -17.72 -13.58
N GLN D 57 16.23 -17.40 -13.01
CA GLN D 57 16.43 -16.10 -12.35
C GLN D 57 16.45 -14.97 -13.34
N TYR D 58 17.13 -15.19 -14.45
CA TYR D 58 17.22 -14.16 -15.47
C TYR D 58 15.83 -13.82 -16.03
N GLN D 59 15.05 -14.84 -16.37
CA GLN D 59 13.67 -14.59 -16.85
C GLN D 59 12.74 -13.99 -15.83
N GLU D 60 12.98 -14.23 -14.56
CA GLU D 60 12.23 -13.57 -13.52
C GLU D 60 12.50 -12.07 -13.46
N LEU D 61 13.73 -11.67 -13.76
CA LEU D 61 14.13 -10.24 -13.63
C LEU D 61 13.93 -9.42 -14.88
N ARG D 62 14.14 -10.07 -16.03
CA ARG D 62 13.94 -9.46 -17.37
C ARG D 62 12.63 -8.60 -17.55
N PRO D 63 11.43 -9.06 -17.08
CA PRO D 63 10.23 -8.22 -17.25
C PRO D 63 10.28 -6.88 -16.51
N SER D 64 11.01 -6.79 -15.42
CA SER D 64 11.24 -5.52 -14.73
C SER D 64 12.08 -4.55 -15.57
N PHE D 65 13.03 -5.09 -16.33
CA PHE D 65 13.76 -4.29 -17.30
C PHE D 65 12.87 -3.80 -18.41
N GLU D 66 11.96 -4.63 -18.92
CA GLU D 66 11.04 -4.17 -19.97
C GLU D 66 10.12 -3.11 -19.40
N LYS D 67 9.68 -3.34 -18.16
CA LYS D 67 8.84 -2.35 -17.46
C LYS D 67 9.58 -1.03 -17.35
N MET D 68 10.90 -1.11 -17.11
CA MET D 68 11.70 0.11 -17.03
C MET D 68 11.77 0.83 -18.37
N ALA D 69 12.06 0.08 -19.44
CA ALA D 69 12.04 0.67 -20.79
C ALA D 69 10.73 1.40 -21.15
N VAL D 70 9.59 0.81 -20.80
CA VAL D 70 8.25 1.42 -20.96
C VAL D 70 8.11 2.74 -20.17
N LEU D 71 8.48 2.69 -18.90
CA LEU D 71 8.38 3.83 -18.02
C LEU D 71 9.26 4.97 -18.54
N LEU D 72 10.48 4.64 -18.94
CA LEU D 72 11.41 5.67 -19.45
C LEU D 72 10.87 6.31 -20.72
N ASN D 73 10.32 5.51 -21.62
CA ASN D 73 9.70 6.08 -22.81
C ASN D 73 8.43 6.85 -22.57
N GLU D 74 7.62 6.38 -21.61
CA GLU D 74 6.43 7.16 -21.24
C GLU D 74 6.79 8.54 -20.69
N VAL D 75 7.79 8.58 -19.82
CA VAL D 75 8.26 9.85 -19.24
C VAL D 75 8.87 10.75 -20.32
N GLY D 76 9.67 10.17 -21.21
CA GLY D 76 10.19 10.91 -22.36
C GLY D 76 9.06 11.52 -23.17
N GLN D 77 8.03 10.72 -23.46
CA GLN D 77 6.94 11.22 -24.29
C GLN D 77 6.23 12.36 -23.55
N GLN D 78 5.99 12.16 -22.24
CA GLN D 78 5.28 13.18 -21.44
C GLN D 78 6.06 14.47 -21.24
N LEU D 79 7.38 14.35 -21.14
CA LEU D 79 8.24 15.52 -21.07
C LEU D 79 8.21 16.29 -22.39
N HIS D 80 8.21 15.59 -23.53
CA HIS D 80 7.96 16.23 -24.84
C HIS D 80 6.61 16.91 -24.91
N ASN D 81 5.58 16.26 -24.35
CA ASN D 81 4.25 16.89 -24.30
C ASN D 81 4.26 18.15 -23.47
N SER D 82 4.89 18.10 -22.29
CA SER D 82 5.02 19.27 -21.40
C SER D 82 5.80 20.43 -22.07
N ALA D 83 6.82 20.09 -22.84
CA ALA D 83 7.63 21.08 -23.55
C ALA D 83 6.78 21.86 -24.55
N THR D 84 5.96 21.15 -25.32
CA THR D 84 5.09 21.82 -26.28
C THR D 84 4.02 22.69 -25.60
N ILE D 85 3.43 22.16 -24.54
CA ILE D 85 2.50 22.91 -23.69
C ILE D 85 3.11 24.20 -23.15
N LEU D 86 4.34 24.11 -22.66
CA LEU D 86 5.00 25.28 -22.07
C LEU D 86 5.35 26.30 -23.18
N GLU D 87 5.82 25.81 -24.31
CA GLU D 87 6.06 26.66 -25.48
C GLU D 87 4.78 27.40 -25.92
N ASP D 88 3.70 26.64 -26.02
CA ASP D 88 2.40 27.19 -26.42
C ASP D 88 1.90 28.23 -25.44
N THR D 89 2.08 27.94 -24.14
CA THR D 89 1.70 28.86 -23.09
C THR D 89 2.45 30.16 -23.30
N ASP D 90 3.78 30.06 -23.40
CA ASP D 90 4.61 31.23 -23.60
C ASP D 90 4.23 32.00 -24.88
N GLN D 91 3.90 31.29 -25.96
N GLN D 91 3.94 31.26 -25.95
CA GLN D 91 3.54 31.99 -27.20
CA GLN D 91 3.49 31.83 -27.23
C GLN D 91 2.10 32.56 -27.21
C GLN D 91 2.17 32.59 -27.07
N GLN D 92 1.18 31.95 -26.48
CA GLN D 92 -0.15 32.55 -26.26
C GLN D 92 -0.02 33.90 -25.55
N ILE D 93 0.82 33.91 -24.50
CA ILE D 93 1.04 35.12 -23.69
C ILE D 93 1.67 36.25 -24.51
N ALA D 94 2.73 35.92 -25.27
CA ALA D 94 3.42 36.87 -26.15
C ALA D 94 2.52 37.40 -27.26
N SER D 95 1.71 36.52 -27.84
CA SER D 95 0.76 36.89 -28.92
C SER D 95 -0.42 37.72 -28.43
N GLN D 96 -0.60 37.81 -27.12
CA GLN D 96 -1.66 38.63 -26.54
C GLN D 96 -1.15 40.04 -26.21
N ILE D 97 0.11 40.12 -25.78
CA ILE D 97 0.77 41.38 -25.40
C ILE D 97 0.95 42.35 -26.60
N ARG D 98 1.05 41.80 -27.81
CA ARG D 98 1.08 42.63 -29.02
C ARG D 98 -0.33 43.01 -29.48
N LEU E 9 34.83 -24.87 11.24
CA LEU E 9 34.31 -23.64 10.57
C LEU E 9 33.84 -23.97 9.15
N THR E 10 32.56 -24.32 9.01
CA THR E 10 32.01 -24.82 7.76
C THR E 10 31.31 -23.71 6.96
N PRO E 11 31.01 -23.95 5.65
CA PRO E 11 30.33 -22.93 4.82
C PRO E 11 28.89 -22.62 5.21
N GLU E 12 28.20 -23.56 5.85
CA GLU E 12 26.84 -23.31 6.32
C GLU E 12 26.87 -22.58 7.66
N GLU E 13 27.92 -22.80 8.43
CA GLU E 13 28.16 -22.04 9.65
C GLU E 13 28.46 -20.59 9.32
N LEU E 14 29.14 -20.36 8.20
CA LEU E 14 29.42 -19.02 7.71
C LEU E 14 28.15 -18.36 7.21
N ARG E 15 27.33 -19.10 6.47
CA ARG E 15 26.08 -18.57 5.95
C ARG E 15 25.12 -18.18 7.08
N GLY E 16 25.14 -18.96 8.16
CA GLY E 16 24.38 -18.64 9.37
C GLY E 16 24.67 -17.24 9.84
N VAL E 17 25.95 -16.93 10.03
CA VAL E 17 26.39 -15.58 10.42
C VAL E 17 26.06 -14.54 9.33
N ALA E 18 26.17 -14.93 8.06
CA ALA E 18 25.88 -14.01 6.99
C ALA E 18 24.44 -13.52 7.12
N ARG E 19 23.50 -14.45 7.32
CA ARG E 19 22.07 -14.13 7.46
C ARG E 19 21.82 -13.13 8.58
N GLN E 20 22.50 -13.31 9.70
CA GLN E 20 22.40 -12.38 10.83
C GLN E 20 22.74 -10.97 10.35
N TYR E 21 23.85 -10.83 9.59
CA TYR E 21 24.28 -9.52 9.09
C TYR E 21 23.32 -8.91 8.09
N ASN E 22 22.72 -9.75 7.25
CA ASN E 22 21.76 -9.30 6.25
C ASN E 22 20.41 -8.87 6.85
N VAL E 23 19.92 -9.65 7.81
CA VAL E 23 18.72 -9.29 8.58
C VAL E 23 18.90 -8.01 9.43
N GLU E 24 20.06 -7.83 10.06
CA GLU E 24 20.29 -6.60 10.82
C GLU E 24 20.46 -5.35 9.94
N SER E 25 20.97 -5.54 8.73
CA SER E 25 20.99 -4.51 7.71
C SER E 25 19.56 -4.07 7.30
N SER E 26 18.67 -5.05 7.09
CA SER E 26 17.25 -4.79 6.84
C SER E 26 16.57 -4.10 8.04
N ASN E 27 16.85 -4.58 9.25
CA ASN E 27 16.31 -3.95 10.46
C ASN E 27 16.71 -2.49 10.59
N VAL E 28 17.96 -2.17 10.23
CA VAL E 28 18.43 -0.77 10.24
C VAL E 28 17.64 0.06 9.24
N THR E 29 17.55 -0.41 8.00
CA THR E 29 16.77 0.24 6.95
C THR E 29 15.29 0.46 7.33
N GLU E 30 14.66 -0.55 7.92
CA GLU E 30 13.26 -0.40 8.34
C GLU E 30 13.15 0.59 9.50
N LEU E 31 14.15 0.59 10.37
CA LEU E 31 14.20 1.51 11.48
C LEU E 31 14.33 2.93 10.97
N ILE E 32 15.21 3.14 10.01
CA ILE E 32 15.31 4.45 9.36
C ILE E 32 13.95 4.87 8.79
N ALA E 33 13.27 3.97 8.08
CA ALA E 33 11.92 4.29 7.55
C ALA E 33 10.95 4.73 8.66
N ARG E 34 10.94 4.02 9.79
CA ARG E 34 10.06 4.36 10.91
C ARG E 34 10.43 5.71 11.54
N LEU E 35 11.72 5.95 11.76
CA LEU E 35 12.19 7.25 12.27
C LEU E 35 11.96 8.43 11.32
N ASP E 36 12.07 8.17 10.01
CA ASP E 36 11.70 9.18 9.03
C ASP E 36 10.21 9.53 9.17
N GLN E 37 9.35 8.53 9.36
CA GLN E 37 7.90 8.77 9.48
C GLN E 37 7.58 9.57 10.76
N MET E 38 8.25 9.20 11.84
CA MET E 38 8.14 9.88 13.13
C MET E 38 8.58 11.33 13.03
N SER E 39 9.75 11.55 12.43
CA SER E 39 10.21 12.93 12.26
C SER E 39 9.31 13.74 11.32
N HIS E 40 8.63 13.09 10.39
CA HIS E 40 7.62 13.73 9.51
C HIS E 40 6.34 14.14 10.23
N THR E 41 6.02 13.49 11.36
CA THR E 41 4.76 13.77 12.07
C THR E 41 4.91 14.57 13.39
N LEU E 42 6.07 14.55 14.01
CA LEU E 42 6.21 15.10 15.39
C LEU E 42 5.82 16.56 15.52
N GLN E 43 6.31 17.39 14.61
CA GLN E 43 6.06 18.83 14.70
C GLN E 43 4.59 19.17 14.46
N GLY E 44 3.89 18.27 13.80
CA GLY E 44 2.50 18.46 13.57
C GLY E 44 1.57 18.04 14.70
N ILE E 45 2.08 17.33 15.70
CA ILE E 45 1.24 16.80 16.80
C ILE E 45 1.70 17.19 18.21
N TRP E 46 2.83 17.88 18.30
CA TRP E 46 3.43 18.26 19.58
C TRP E 46 4.06 19.62 19.52
N GLU E 47 3.55 20.55 20.32
CA GLU E 47 4.02 21.94 20.33
C GLU E 47 5.37 22.07 21.05
N GLY E 48 6.19 23.03 20.62
CA GLY E 48 7.32 23.49 21.45
C GLY E 48 8.70 23.38 20.85
N ALA E 49 9.71 23.74 21.65
CA ALA E 49 11.10 23.65 21.24
C ALA E 49 11.51 22.21 20.96
N SER E 50 11.07 21.29 21.82
CA SER E 50 11.56 19.92 21.81
C SER E 50 11.26 19.12 20.53
N SER E 51 10.17 19.48 19.85
CA SER E 51 9.88 18.88 18.56
C SER E 51 10.98 19.21 17.55
N GLU E 52 11.36 20.49 17.48
CA GLU E 52 12.45 20.97 16.61
C GLU E 52 13.80 20.28 16.91
N ALA E 53 14.13 20.21 18.20
CA ALA E 53 15.30 19.50 18.72
C ALA E 53 15.45 18.12 18.10
N PHE E 54 14.39 17.31 18.22
CA PHE E 54 14.39 15.96 17.71
C PHE E 54 14.67 15.89 16.21
N ILE E 55 13.94 16.67 15.41
CA ILE E 55 14.09 16.64 13.96
C ILE E 55 15.52 17.02 13.58
N GLN E 56 16.02 18.09 14.20
CA GLN E 56 17.39 18.57 13.97
C GLN E 56 18.43 17.50 14.29
N GLN E 57 18.35 16.93 15.49
CA GLN E 57 19.31 15.90 15.88
C GLN E 57 19.23 14.67 14.97
N TYR E 58 18.01 14.26 14.61
CA TYR E 58 17.82 13.04 13.84
C TYR E 58 18.42 13.17 12.44
N GLN E 59 18.19 14.30 11.79
CA GLN E 59 18.76 14.54 10.48
C GLN E 59 20.30 14.55 10.51
N GLU E 60 20.87 14.91 11.65
CA GLU E 60 22.33 14.85 11.86
C GLU E 60 22.82 13.44 12.03
N LEU E 61 21.99 12.60 12.66
CA LEU E 61 22.39 11.24 13.01
C LEU E 61 22.10 10.25 11.86
N ARG E 62 21.12 10.60 11.03
CA ARG E 62 20.60 9.68 9.98
C ARG E 62 21.64 9.14 8.98
N PRO E 63 22.56 10.02 8.46
CA PRO E 63 23.58 9.44 7.55
C PRO E 63 24.39 8.31 8.20
N SER E 64 24.68 8.39 9.50
CA SER E 64 25.37 7.29 10.20
C SER E 64 24.58 5.97 10.20
N PHE E 65 23.26 6.08 10.33
CA PHE E 65 22.39 4.92 10.25
C PHE E 65 22.43 4.35 8.84
N GLU E 66 22.34 5.22 7.83
CA GLU E 66 22.50 4.80 6.43
C GLU E 66 23.82 4.06 6.19
N LYS E 67 24.91 4.59 6.76
CA LYS E 67 26.24 3.96 6.68
C LYS E 67 26.27 2.58 7.33
N MET E 68 25.60 2.43 8.47
CA MET E 68 25.51 1.14 9.15
C MET E 68 24.74 0.09 8.32
N ALA E 69 23.67 0.50 7.63
CA ALA E 69 22.90 -0.44 6.81
C ALA E 69 23.72 -0.91 5.60
N VAL E 70 24.48 0.02 5.02
CA VAL E 70 25.48 -0.29 4.00
C VAL E 70 26.57 -1.25 4.55
N LEU E 71 27.18 -0.86 5.68
CA LEU E 71 28.27 -1.67 6.27
C LEU E 71 27.86 -3.13 6.54
N LEU E 72 26.70 -3.32 7.18
CA LEU E 72 26.23 -4.64 7.59
C LEU E 72 25.98 -5.53 6.40
N ASN E 73 25.31 -4.98 5.40
CA ASN E 73 25.05 -5.62 4.15
C ASN E 73 26.32 -6.07 3.42
N GLU E 74 27.39 -5.30 3.56
CA GLU E 74 28.68 -5.64 2.99
C GLU E 74 29.31 -6.84 3.68
N VAL E 75 29.23 -6.87 5.01
CA VAL E 75 29.68 -8.02 5.77
C VAL E 75 28.85 -9.27 5.43
N GLY E 76 27.58 -9.09 5.11
CA GLY E 76 26.75 -10.20 4.69
C GLY E 76 27.13 -10.65 3.29
N GLN E 77 27.41 -9.69 2.41
CA GLN E 77 27.86 -9.99 1.06
C GLN E 77 29.17 -10.77 1.10
N GLN E 78 30.18 -10.23 1.79
CA GLN E 78 31.51 -10.88 1.89
C GLN E 78 31.49 -12.25 2.59
N LEU E 79 30.68 -12.39 3.64
CA LEU E 79 30.52 -13.68 4.33
C LEU E 79 29.87 -14.75 3.44
N HIS E 80 29.07 -14.30 2.48
CA HIS E 80 28.47 -15.15 1.44
C HIS E 80 29.45 -15.54 0.39
N ASN E 81 30.22 -14.55 -0.09
CA ASN E 81 31.36 -14.84 -0.96
C ASN E 81 32.32 -15.85 -0.27
N SER E 82 32.62 -15.62 1.00
CA SER E 82 33.47 -16.52 1.79
C SER E 82 32.99 -17.96 1.84
N ALA E 83 31.70 -18.15 2.17
CA ALA E 83 31.10 -19.48 2.31
C ALA E 83 31.09 -20.23 0.98
N THR E 84 30.94 -19.48 -0.11
CA THR E 84 30.87 -20.05 -1.44
C THR E 84 32.23 -20.59 -1.87
N ILE E 85 33.24 -19.72 -1.82
CA ILE E 85 34.63 -20.07 -2.08
C ILE E 85 35.09 -21.24 -1.22
N LEU E 86 34.76 -21.23 0.07
CA LEU E 86 35.13 -22.33 0.94
C LEU E 86 34.53 -23.67 0.49
N GLU E 87 33.22 -23.66 0.24
CA GLU E 87 32.52 -24.86 -0.23
C GLU E 87 33.04 -25.34 -1.60
N ASP E 88 33.34 -24.40 -2.49
CA ASP E 88 33.92 -24.70 -3.81
C ASP E 88 35.35 -25.25 -3.75
N THR E 89 36.24 -24.57 -3.03
CA THR E 89 37.60 -25.07 -2.85
C THR E 89 37.54 -26.48 -2.25
N ASP E 90 36.64 -26.67 -1.29
CA ASP E 90 36.46 -27.94 -0.59
C ASP E 90 36.04 -29.08 -1.51
N GLN E 91 35.00 -28.84 -2.30
CA GLN E 91 34.49 -29.89 -3.18
C GLN E 91 35.55 -30.26 -4.23
N GLN E 92 36.25 -29.26 -4.77
CA GLN E 92 37.37 -29.44 -5.72
C GLN E 92 38.58 -30.23 -5.16
N ILE E 93 39.02 -29.88 -3.94
CA ILE E 93 40.11 -30.58 -3.28
C ILE E 93 39.75 -32.05 -3.10
N ALA E 94 38.52 -32.32 -2.69
CA ALA E 94 38.04 -33.67 -2.44
C ALA E 94 38.02 -34.54 -3.71
N SER E 95 37.62 -33.95 -4.83
CA SER E 95 37.61 -34.68 -6.10
C SER E 95 39.03 -34.91 -6.61
N GLN E 96 39.92 -33.94 -6.44
CA GLN E 96 41.36 -34.10 -6.74
C GLN E 96 42.03 -35.22 -5.94
N ILE E 97 41.61 -35.41 -4.70
CA ILE E 97 42.19 -36.45 -3.85
C ILE E 97 41.56 -37.80 -4.16
N ARG E 98 40.23 -37.84 -4.33
CA ARG E 98 39.53 -39.09 -4.67
C ARG E 98 40.03 -39.70 -5.99
N GLY E 99 40.62 -38.86 -6.84
N GLY E 99 40.69 -38.87 -6.81
CA GLY E 99 41.22 -39.30 -8.11
CA GLY E 99 41.53 -39.36 -7.90
C GLY E 99 40.23 -39.63 -9.20
C GLY E 99 42.94 -39.59 -7.36
N MET F 3 3.47 27.60 7.75
CA MET F 3 1.99 27.64 7.93
C MET F 3 1.45 26.33 8.53
N ALA F 4 2.35 25.44 8.92
CA ALA F 4 1.96 24.15 9.50
C ALA F 4 1.35 24.29 10.90
N GLY F 5 0.15 23.74 11.09
CA GLY F 5 -0.51 23.74 12.40
C GLY F 5 -0.01 22.62 13.30
N VAL F 6 -0.34 22.74 14.57
CA VAL F 6 -0.06 21.66 15.50
C VAL F 6 -1.41 21.25 15.99
N ILE F 7 -1.78 19.99 15.77
CA ILE F 7 -3.07 19.46 16.18
C ILE F 7 -3.14 19.37 17.69
N ARG F 8 -4.33 19.66 18.24
CA ARG F 8 -4.57 19.49 19.69
C ARG F 8 -4.84 18.02 20.01
N LEU F 9 -3.80 17.29 20.41
CA LEU F 9 -3.91 15.89 20.83
C LEU F 9 -4.49 15.82 22.24
N THR F 10 -5.16 14.73 22.58
CA THR F 10 -5.61 14.49 23.97
C THR F 10 -4.45 13.94 24.79
N PRO F 11 -4.54 14.01 26.15
CA PRO F 11 -3.50 13.37 26.93
C PRO F 11 -3.33 11.90 26.57
N GLU F 12 -4.44 11.20 26.32
CA GLU F 12 -4.31 9.81 25.90
C GLU F 12 -3.55 9.63 24.58
N GLU F 13 -3.77 10.53 23.63
CA GLU F 13 -2.99 10.46 22.38
C GLU F 13 -1.51 10.77 22.59
N LEU F 14 -1.22 11.78 23.39
CA LEU F 14 0.16 12.08 23.73
C LEU F 14 0.85 10.89 24.39
N ARG F 15 0.16 10.20 25.29
CA ARG F 15 0.78 9.04 25.93
C ARG F 15 1.01 7.90 24.91
N GLY F 16 0.09 7.74 23.95
CA GLY F 16 0.29 6.76 22.86
C GLY F 16 1.54 7.05 22.02
N VAL F 17 1.74 8.32 21.71
CA VAL F 17 2.95 8.71 20.98
C VAL F 17 4.20 8.51 21.86
N ALA F 18 4.11 8.86 23.15
CA ALA F 18 5.23 8.66 24.09
C ALA F 18 5.70 7.20 24.09
N ARG F 19 4.73 6.31 24.19
CA ARG F 19 5.02 4.88 24.19
C ARG F 19 5.71 4.44 22.90
N GLN F 20 5.27 5.00 21.79
CA GLN F 20 5.87 4.69 20.49
C GLN F 20 7.37 5.05 20.50
N TYR F 21 7.68 6.22 21.06
CA TYR F 21 9.09 6.67 21.15
C TYR F 21 9.93 5.82 22.10
N ASN F 22 9.31 5.44 23.23
N ASN F 22 9.31 5.42 23.21
CA ASN F 22 9.98 4.55 24.18
CA ASN F 22 9.94 4.55 24.19
C ASN F 22 10.29 3.18 23.59
C ASN F 22 10.26 3.17 23.62
N VAL F 23 9.35 2.61 22.83
CA VAL F 23 9.57 1.32 22.11
C VAL F 23 10.66 1.48 21.06
N GLU F 24 10.62 2.55 20.26
CA GLU F 24 11.72 2.72 19.30
C GLU F 24 13.10 2.84 19.96
N SER F 25 13.18 3.53 21.10
CA SER F 25 14.41 3.63 21.90
C SER F 25 14.92 2.26 22.30
N SER F 26 14.02 1.45 22.83
CA SER F 26 14.34 0.07 23.19
C SER F 26 14.72 -0.80 21.97
N ASN F 27 14.06 -0.61 20.84
CA ASN F 27 14.47 -1.23 19.58
C ASN F 27 15.94 -0.88 19.23
N VAL F 28 16.30 0.39 19.32
CA VAL F 28 17.67 0.80 19.00
C VAL F 28 18.68 0.18 19.96
N THR F 29 18.35 0.17 21.26
CA THR F 29 19.18 -0.45 22.30
C THR F 29 19.39 -1.95 22.05
N GLU F 30 18.29 -2.66 21.73
CA GLU F 30 18.37 -4.11 21.44
C GLU F 30 19.15 -4.44 20.15
N LEU F 31 19.03 -3.58 19.13
CA LEU F 31 19.81 -3.70 17.91
C LEU F 31 21.30 -3.62 18.20
N ILE F 32 21.70 -2.64 19.00
CA ILE F 32 23.08 -2.44 19.37
C ILE F 32 23.62 -3.66 20.14
N ALA F 33 22.82 -4.17 21.07
CA ALA F 33 23.20 -5.35 21.84
C ALA F 33 23.47 -6.54 20.91
N ARG F 34 22.57 -6.75 19.94
CA ARG F 34 22.72 -7.79 18.93
C ARG F 34 23.95 -7.58 18.06
N LEU F 35 24.17 -6.33 17.63
CA LEU F 35 25.31 -6.02 16.79
C LEU F 35 26.61 -6.18 17.54
N ASP F 36 26.58 -5.88 18.83
CA ASP F 36 27.73 -6.04 19.71
C ASP F 36 28.16 -7.50 19.83
N GLN F 37 27.18 -8.40 19.98
CA GLN F 37 27.49 -9.84 20.06
C GLN F 37 28.05 -10.34 18.73
N MET F 38 27.38 -10.00 17.63
CA MET F 38 27.83 -10.37 16.28
C MET F 38 29.26 -9.93 15.92
N SER F 39 29.66 -8.79 16.48
CA SER F 39 31.00 -8.24 16.27
C SER F 39 32.05 -9.03 17.01
N HIS F 40 31.68 -9.58 18.16
CA HIS F 40 32.58 -10.50 18.85
C HIS F 40 32.68 -11.78 18.08
N THR F 41 31.57 -12.23 17.50
CA THR F 41 31.55 -13.43 16.68
C THR F 41 32.43 -13.33 15.43
N LEU F 42 32.21 -12.30 14.60
CA LEU F 42 32.97 -12.11 13.35
C LEU F 42 34.48 -12.03 13.64
N GLN F 43 34.82 -11.45 14.78
CA GLN F 43 36.18 -11.39 15.29
C GLN F 43 36.79 -12.79 15.39
N GLY F 44 35.95 -13.81 15.57
CA GLY F 44 36.41 -15.21 15.65
C GLY F 44 36.15 -16.01 14.39
N ILE F 45 35.83 -15.33 13.30
CA ILE F 45 35.57 -15.98 12.01
C ILE F 45 36.53 -15.44 10.95
N TRP F 46 36.96 -14.20 11.14
CA TRP F 46 37.80 -13.47 10.21
C TRP F 46 39.10 -13.07 10.85
N GLU F 47 40.15 -12.88 10.04
CA GLU F 47 41.46 -12.52 10.59
C GLU F 47 41.62 -11.01 10.77
N GLY F 48 42.51 -10.62 11.68
CA GLY F 48 42.66 -9.22 12.12
C GLY F 48 42.84 -8.12 11.09
N ALA F 49 42.71 -8.47 9.81
CA ALA F 49 42.72 -7.50 8.71
C ALA F 49 41.30 -7.04 8.38
N SER F 50 40.42 -7.99 8.04
CA SER F 50 39.01 -7.72 7.79
C SER F 50 38.33 -7.35 9.11
N SER F 51 38.66 -8.11 10.15
CA SER F 51 38.07 -7.93 11.47
C SER F 51 38.32 -6.55 12.03
N GLU F 52 39.60 -6.15 12.10
CA GLU F 52 39.94 -4.85 12.66
C GLU F 52 39.23 -3.74 11.89
N ALA F 53 39.24 -3.84 10.56
CA ALA F 53 38.57 -2.88 9.69
C ALA F 53 37.09 -2.72 10.03
N PHE F 54 36.32 -3.81 9.96
CA PHE F 54 34.88 -3.77 10.28
C PHE F 54 34.61 -3.27 11.70
N ILE F 55 35.35 -3.81 12.67
CA ILE F 55 35.19 -3.43 14.06
C ILE F 55 35.46 -1.95 14.30
N GLN F 56 36.44 -1.40 13.57
N GLN F 56 36.42 -1.37 13.59
CA GLN F 56 36.74 0.03 13.58
CA GLN F 56 36.68 0.06 13.70
C GLN F 56 35.56 0.82 13.02
C GLN F 56 35.59 0.88 12.98
N GLN F 57 35.00 0.33 11.92
CA GLN F 57 33.89 1.01 11.21
C GLN F 57 32.57 0.90 11.94
N TYR F 58 32.35 -0.25 12.58
CA TYR F 58 31.24 -0.41 13.52
C TYR F 58 31.35 0.53 14.72
N GLN F 59 32.50 0.50 15.39
N GLN F 59 32.48 0.52 15.41
CA GLN F 59 32.78 1.37 16.55
CA GLN F 59 32.68 1.38 16.58
C GLN F 59 32.72 2.85 16.22
C GLN F 59 32.72 2.87 16.22
N GLU F 60 32.88 3.18 14.93
CA GLU F 60 32.82 4.57 14.44
C GLU F 60 31.38 5.06 14.46
N LEU F 61 30.46 4.16 14.11
CA LEU F 61 29.05 4.48 13.93
C LEU F 61 28.21 4.21 15.19
N ARG F 62 28.75 3.40 16.10
CA ARG F 62 27.98 2.95 17.26
C ARG F 62 27.52 4.10 18.18
N PRO F 63 28.42 5.06 18.50
CA PRO F 63 27.93 6.21 19.30
C PRO F 63 26.70 6.95 18.74
N SER F 64 26.54 7.02 17.40
CA SER F 64 25.34 7.60 16.79
C SER F 64 24.06 6.87 17.19
N PHE F 65 24.17 5.55 17.21
CA PHE F 65 23.04 4.68 17.61
C PHE F 65 22.74 4.87 19.08
N GLU F 66 23.78 4.88 19.92
CA GLU F 66 23.61 5.20 21.35
C GLU F 66 22.88 6.54 21.56
N LYS F 67 23.29 7.56 20.81
CA LYS F 67 22.72 8.90 20.92
C LYS F 67 21.24 8.92 20.54
N MET F 68 20.94 8.20 19.47
CA MET F 68 19.55 8.10 19.04
C MET F 68 18.68 7.43 20.09
N ALA F 69 19.19 6.39 20.73
CA ALA F 69 18.41 5.68 21.75
C ALA F 69 18.08 6.62 22.91
N VAL F 70 19.07 7.40 23.31
CA VAL F 70 18.91 8.44 24.34
C VAL F 70 17.90 9.50 23.90
N LEU F 71 18.04 9.98 22.68
N LEU F 71 18.01 10.02 22.68
CA LEU F 71 17.17 11.03 22.12
CA LEU F 71 17.10 11.09 22.25
C LEU F 71 15.72 10.58 22.15
C LEU F 71 15.67 10.58 22.16
N LEU F 72 15.49 9.34 21.71
CA LEU F 72 14.16 8.75 21.67
C LEU F 72 13.54 8.60 23.06
N ASN F 73 14.37 8.18 24.00
CA ASN F 73 13.97 8.01 25.40
C ASN F 73 13.51 9.35 25.94
N GLU F 74 14.28 10.40 25.64
CA GLU F 74 14.00 11.73 26.16
C GLU F 74 12.69 12.24 25.58
N VAL F 75 12.49 12.07 24.29
CA VAL F 75 11.22 12.46 23.65
C VAL F 75 10.01 11.72 24.27
N GLY F 76 10.16 10.42 24.52
CA GLY F 76 9.06 9.63 25.15
C GLY F 76 8.68 10.18 26.55
N GLN F 77 9.70 10.50 27.34
CA GLN F 77 9.46 11.13 28.66
C GLN F 77 8.71 12.43 28.56
N GLN F 78 9.24 13.33 27.73
CA GLN F 78 8.68 14.66 27.56
C GLN F 78 7.27 14.64 26.99
N LEU F 79 7.02 13.73 26.08
CA LEU F 79 5.65 13.53 25.60
C LEU F 79 4.70 13.07 26.72
N HIS F 80 5.15 12.11 27.53
CA HIS F 80 4.38 11.69 28.69
C HIS F 80 4.18 12.83 29.66
N ASN F 81 5.23 13.61 29.90
CA ASN F 81 5.11 14.82 30.74
C ASN F 81 4.14 15.86 30.20
N SER F 82 4.12 16.03 28.88
CA SER F 82 3.18 16.94 28.21
C SER F 82 1.72 16.50 28.42
N ALA F 83 1.45 15.20 28.37
CA ALA F 83 0.08 14.68 28.67
C ALA F 83 -0.31 15.06 30.10
N THR F 84 0.61 14.89 31.04
CA THR F 84 0.33 15.26 32.44
C THR F 84 0.03 16.75 32.57
N ILE F 85 0.91 17.59 32.01
CA ILE F 85 0.72 19.05 31.99
C ILE F 85 -0.63 19.41 31.36
N LEU F 86 -0.98 18.72 30.28
CA LEU F 86 -2.24 18.97 29.57
C LEU F 86 -3.44 18.59 30.43
N GLU F 87 -3.36 17.51 31.19
CA GLU F 87 -4.44 17.22 32.16
C GLU F 87 -4.56 18.36 33.17
N ASP F 88 -3.43 18.80 33.72
CA ASP F 88 -3.38 19.95 34.66
C ASP F 88 -3.95 21.25 34.07
N THR F 89 -3.58 21.54 32.81
CA THR F 89 -3.98 22.76 32.10
C THR F 89 -5.47 22.73 31.71
N ASP F 90 -5.94 21.60 31.19
CA ASP F 90 -7.34 21.44 30.81
C ASP F 90 -8.27 21.56 32.01
N GLN F 91 -7.90 20.87 33.08
CA GLN F 91 -8.52 21.01 34.40
C GLN F 91 -8.80 22.48 34.78
N GLN F 92 -7.77 23.32 34.84
CA GLN F 92 -7.95 24.73 35.20
C GLN F 92 -8.79 25.53 34.18
N ILE F 93 -8.61 25.24 32.89
CA ILE F 93 -9.40 25.87 31.82
C ILE F 93 -10.88 25.47 31.91
N ALA F 94 -11.13 24.26 32.43
CA ALA F 94 -12.50 23.80 32.71
C ALA F 94 -13.05 24.50 33.96
N SER F 95 -12.19 24.66 34.96
CA SER F 95 -12.53 25.32 36.21
C SER F 95 -12.66 26.84 36.04
N MET G 3 -0.49 -15.56 19.57
CA MET G 3 -0.85 -16.98 19.83
C MET G 3 -2.35 -17.25 19.65
N ALA G 4 -3.13 -16.23 19.29
CA ALA G 4 -4.59 -16.38 19.18
C ALA G 4 -4.96 -17.27 17.99
N GLY G 5 -5.87 -18.22 18.19
CA GLY G 5 -6.31 -19.08 17.10
C GLY G 5 -7.47 -18.47 16.32
N VAL G 6 -7.80 -19.07 15.19
CA VAL G 6 -9.02 -18.68 14.47
C VAL G 6 -9.96 -19.89 14.50
N ILE G 7 -11.18 -19.68 14.98
CA ILE G 7 -12.15 -20.79 15.07
C ILE G 7 -12.62 -21.14 13.67
N ARG G 8 -12.78 -22.44 13.39
CA ARG G 8 -13.38 -22.92 12.12
C ARG G 8 -14.89 -22.79 12.11
N LEU G 9 -15.37 -21.70 11.52
CA LEU G 9 -16.80 -21.54 11.27
C LEU G 9 -17.21 -22.32 10.00
N THR G 10 -18.45 -22.80 9.96
CA THR G 10 -18.95 -23.46 8.75
C THR G 10 -19.40 -22.37 7.80
N PRO G 11 -19.72 -22.73 6.53
CA PRO G 11 -20.24 -21.72 5.59
C PRO G 11 -21.49 -21.02 6.09
N GLU G 12 -22.42 -21.79 6.66
CA GLU G 12 -23.65 -21.18 7.18
C GLU G 12 -23.37 -20.17 8.30
N GLU G 13 -22.45 -20.52 9.18
CA GLU G 13 -22.10 -19.60 10.26
C GLU G 13 -21.44 -18.34 9.69
N LEU G 14 -20.57 -18.48 8.70
CA LEU G 14 -19.91 -17.31 8.10
C LEU G 14 -20.96 -16.42 7.41
N ARG G 15 -21.99 -17.05 6.83
CA ARG G 15 -23.07 -16.26 6.24
C ARG G 15 -23.91 -15.53 7.27
N GLY G 16 -24.08 -16.13 8.45
CA GLY G 16 -24.70 -15.46 9.60
C GLY G 16 -23.92 -14.22 10.01
N VAL G 17 -22.60 -14.33 10.11
CA VAL G 17 -21.76 -13.19 10.44
C VAL G 17 -21.85 -12.16 9.33
N ALA G 18 -21.76 -12.62 8.07
CA ALA G 18 -21.97 -11.73 6.93
C ALA G 18 -23.26 -10.89 7.05
N ARG G 19 -24.37 -11.58 7.32
CA ARG G 19 -25.65 -10.91 7.42
C ARG G 19 -25.65 -9.91 8.57
N GLN G 20 -25.00 -10.26 9.67
CA GLN G 20 -24.82 -9.34 10.80
C GLN G 20 -24.13 -8.06 10.35
N TYR G 21 -23.04 -8.18 9.56
CA TYR G 21 -22.33 -7.00 9.07
C TYR G 21 -23.17 -6.16 8.09
N ASN G 22 -23.89 -6.84 7.23
CA ASN G 22 -24.76 -6.19 6.25
C ASN G 22 -25.91 -5.46 6.93
N VAL G 23 -26.45 -6.04 7.99
CA VAL G 23 -27.53 -5.41 8.78
C VAL G 23 -27.02 -4.15 9.47
N GLU G 24 -25.85 -4.23 10.10
CA GLU G 24 -25.25 -3.01 10.66
C GLU G 24 -24.93 -1.98 9.58
N SER G 25 -24.43 -2.38 8.42
CA SER G 25 -24.29 -1.42 7.31
C SER G 25 -25.60 -0.66 6.99
N SER G 26 -26.68 -1.40 6.78
N SER G 26 -26.70 -1.40 6.82
CA SER G 26 -27.98 -0.82 6.48
CA SER G 26 -27.98 -0.79 6.50
C SER G 26 -28.45 0.04 7.68
C SER G 26 -28.59 -0.05 7.69
N ASN G 27 -28.21 -0.43 8.92
CA ASN G 27 -28.51 0.39 10.12
C ASN G 27 -27.85 1.77 10.08
N VAL G 28 -26.57 1.83 9.70
CA VAL G 28 -25.86 3.09 9.60
C VAL G 28 -26.45 3.93 8.46
N THR G 29 -26.73 3.29 7.33
CA THR G 29 -27.30 4.01 6.17
C THR G 29 -28.64 4.69 6.52
N GLU G 30 -29.48 3.94 7.21
CA GLU G 30 -30.81 4.42 7.57
C GLU G 30 -30.73 5.48 8.65
N LEU G 31 -29.79 5.34 9.57
CA LEU G 31 -29.48 6.39 10.54
C LEU G 31 -29.11 7.70 9.85
N ILE G 32 -28.22 7.62 8.86
N ILE G 32 -28.24 7.60 8.84
CA ILE G 32 -27.85 8.80 8.10
CA ILE G 32 -27.83 8.75 8.05
C ILE G 32 -29.04 9.44 7.38
C ILE G 32 -29.01 9.43 7.34
N ALA G 33 -29.93 8.63 6.81
CA ALA G 33 -31.17 9.16 6.17
C ALA G 33 -32.02 9.95 7.19
N ARG G 34 -32.20 9.36 8.37
CA ARG G 34 -32.94 10.02 9.47
C ARG G 34 -32.29 11.34 9.88
N LEU G 35 -30.97 11.31 10.10
CA LEU G 35 -30.23 12.50 10.50
C LEU G 35 -30.25 13.58 9.42
N ASP G 36 -30.19 13.16 8.16
CA ASP G 36 -30.35 14.09 7.04
C ASP G 36 -31.72 14.81 7.13
N GLN G 37 -32.77 14.04 7.39
CA GLN G 37 -34.14 14.58 7.50
C GLN G 37 -34.25 15.56 8.68
N MET G 38 -33.73 15.13 9.83
CA MET G 38 -33.70 15.94 11.05
C MET G 38 -32.94 17.22 10.87
N SER G 39 -31.77 17.12 10.23
CA SER G 39 -30.98 18.28 9.87
C SER G 39 -31.69 19.24 8.90
N HIS G 40 -32.36 18.68 7.87
CA HIS G 40 -33.05 19.49 6.85
C HIS G 40 -34.26 20.25 7.38
N THR G 41 -34.86 19.73 8.45
CA THR G 41 -36.08 20.31 9.02
C THR G 41 -35.84 21.03 10.34
N LEU G 42 -34.65 20.89 10.90
CA LEU G 42 -34.39 21.36 12.26
C LEU G 42 -34.51 22.87 12.38
N GLN G 43 -33.86 23.61 11.48
CA GLN G 43 -33.99 25.07 11.46
C GLN G 43 -35.46 25.50 11.48
N GLY G 44 -36.27 24.87 10.62
CA GLY G 44 -37.71 25.10 10.56
C GLY G 44 -38.42 24.87 11.87
N ILE G 45 -38.03 23.81 12.58
CA ILE G 45 -38.54 23.54 13.91
C ILE G 45 -38.05 24.59 14.90
N TRP G 46 -36.78 25.00 14.77
CA TRP G 46 -36.15 25.94 15.70
C TRP G 46 -34.86 26.50 15.18
N GLU G 47 -34.94 27.50 14.29
CA GLU G 47 -33.74 28.23 13.82
C GLU G 47 -33.07 29.05 14.93
N GLY G 48 -31.82 29.43 14.68
CA GLY G 48 -30.99 30.11 15.68
C GLY G 48 -29.58 29.55 15.78
N ALA G 49 -28.94 29.79 16.92
CA ALA G 49 -27.54 29.43 17.10
C ALA G 49 -27.32 27.90 17.17
N SER G 50 -28.08 27.24 18.05
CA SER G 50 -27.93 25.79 18.31
C SER G 50 -28.45 24.90 17.19
N SER G 51 -29.25 25.49 16.29
CA SER G 51 -29.66 24.83 15.07
C SER G 51 -28.54 24.86 14.03
N GLU G 52 -27.84 25.99 13.94
CA GLU G 52 -26.80 26.18 12.93
C GLU G 52 -25.48 25.48 13.26
N ALA G 53 -25.08 25.51 14.54
CA ALA G 53 -23.83 24.89 14.98
C ALA G 53 -23.88 23.38 14.75
N PHE G 54 -25.08 22.82 14.89
CA PHE G 54 -25.38 21.43 14.57
C PHE G 54 -25.13 21.13 13.09
N ILE G 55 -25.39 22.11 12.22
CA ILE G 55 -25.30 21.90 10.78
C ILE G 55 -23.83 21.83 10.34
N GLN G 56 -23.02 22.82 10.72
CA GLN G 56 -21.59 22.76 10.44
C GLN G 56 -21.04 21.43 11.00
N GLN G 57 -21.54 21.05 12.18
CA GLN G 57 -21.03 19.89 12.87
C GLN G 57 -21.48 18.58 12.23
N TYR G 58 -22.77 18.45 11.98
CA TYR G 58 -23.27 17.31 11.21
C TYR G 58 -22.51 17.12 9.88
N GLN G 59 -22.29 18.21 9.15
CA GLN G 59 -21.60 18.17 7.87
C GLN G 59 -20.19 17.62 8.01
N GLU G 60 -19.50 18.03 9.09
CA GLU G 60 -18.15 17.58 9.44
C GLU G 60 -18.09 16.07 9.79
N LEU G 61 -19.14 15.55 10.43
CA LEU G 61 -19.19 14.15 10.88
C LEU G 61 -19.79 13.15 9.90
N ARG G 62 -20.74 13.61 9.08
CA ARG G 62 -21.45 12.74 8.17
C ARG G 62 -20.55 11.83 7.31
N PRO G 63 -19.47 12.37 6.68
CA PRO G 63 -18.60 11.51 5.86
C PRO G 63 -18.00 10.31 6.60
N SER G 64 -17.76 10.44 7.90
CA SER G 64 -17.29 9.31 8.73
C SER G 64 -18.35 8.23 8.89
N PHE G 65 -19.61 8.64 9.01
CA PHE G 65 -20.70 7.68 9.02
C PHE G 65 -20.86 7.03 7.64
N GLU G 66 -20.77 7.81 6.57
CA GLU G 66 -20.75 7.22 5.21
C GLU G 66 -19.65 6.15 5.08
N LYS G 67 -18.45 6.48 5.58
CA LYS G 67 -17.32 5.55 5.46
C LYS G 67 -17.54 4.26 6.25
N MET G 68 -18.22 4.36 7.38
CA MET G 68 -18.48 3.19 8.22
C MET G 68 -19.46 2.28 7.51
N ALA G 69 -20.47 2.86 6.87
CA ALA G 69 -21.48 2.03 6.17
C ALA G 69 -20.78 1.21 5.06
N VAL G 70 -19.89 1.85 4.33
CA VAL G 70 -19.07 1.21 3.26
C VAL G 70 -18.18 0.12 3.87
N LEU G 71 -17.47 0.45 4.94
CA LEU G 71 -16.62 -0.54 5.61
C LEU G 71 -17.42 -1.78 6.01
N LEU G 72 -18.56 -1.57 6.64
CA LEU G 72 -19.38 -2.70 7.12
C LEU G 72 -19.88 -3.55 5.94
N ASN G 73 -20.24 -2.85 4.88
CA ASN G 73 -20.71 -3.50 3.65
C ASN G 73 -19.58 -4.36 3.05
N GLU G 74 -18.38 -3.78 2.92
CA GLU G 74 -17.19 -4.54 2.41
C GLU G 74 -16.94 -5.83 3.20
N VAL G 75 -16.92 -5.73 4.54
CA VAL G 75 -16.73 -6.93 5.36
C VAL G 75 -17.85 -7.95 5.17
N GLY G 76 -19.08 -7.49 5.12
CA GLY G 76 -20.22 -8.37 4.87
C GLY G 76 -20.03 -9.15 3.57
N GLN G 77 -19.56 -8.47 2.52
CA GLN G 77 -19.43 -9.12 1.19
C GLN G 77 -18.36 -10.18 1.26
N GLN G 78 -17.30 -9.82 1.96
CA GLN G 78 -16.11 -10.65 2.00
C GLN G 78 -16.36 -11.89 2.83
N LEU G 79 -17.15 -11.75 3.91
CA LEU G 79 -17.52 -12.92 4.73
C LEU G 79 -18.43 -13.88 3.96
N HIS G 80 -19.36 -13.32 3.21
CA HIS G 80 -20.25 -14.13 2.42
C HIS G 80 -19.46 -14.85 1.34
N ASN G 81 -18.53 -14.15 0.69
CA ASN G 81 -17.63 -14.81 -0.28
C ASN G 81 -16.69 -15.88 0.31
N SER G 82 -16.25 -15.69 1.56
CA SER G 82 -15.49 -16.72 2.24
C SER G 82 -16.34 -17.96 2.44
N ALA G 83 -17.63 -17.79 2.75
CA ALA G 83 -18.55 -18.94 2.86
C ALA G 83 -18.66 -19.71 1.53
N THR G 84 -18.87 -18.99 0.44
CA THR G 84 -18.90 -19.59 -0.91
C THR G 84 -17.60 -20.37 -1.23
N ILE G 85 -16.45 -19.78 -0.94
CA ILE G 85 -15.15 -20.41 -1.13
C ILE G 85 -14.99 -21.68 -0.31
N LEU G 86 -15.39 -21.60 0.96
CA LEU G 86 -15.29 -22.73 1.86
C LEU G 86 -16.17 -23.86 1.35
N GLU G 87 -17.38 -23.53 0.90
CA GLU G 87 -18.31 -24.53 0.41
C GLU G 87 -17.76 -25.19 -0.87
N ASP G 88 -17.06 -24.41 -1.71
CA ASP G 88 -16.38 -24.89 -2.92
C ASP G 88 -15.22 -25.86 -2.62
N THR G 89 -14.42 -25.54 -1.61
CA THR G 89 -13.30 -26.39 -1.21
C THR G 89 -13.78 -27.68 -0.51
N ASP G 90 -14.84 -27.56 0.29
CA ASP G 90 -15.44 -28.70 1.01
C ASP G 90 -16.03 -29.76 0.08
N GLN G 91 -16.36 -29.35 -1.14
CA GLN G 91 -16.84 -30.29 -2.16
C GLN G 91 -15.72 -30.90 -3.00
N GLN G 92 -14.62 -30.16 -3.17
CA GLN G 92 -13.49 -30.65 -4.00
C GLN G 92 -12.68 -31.74 -3.30
N ILE G 93 -12.47 -31.61 -1.99
CA ILE G 93 -11.80 -32.63 -1.19
C ILE G 93 -12.71 -33.86 -0.96
N ALA G 94 -14.02 -33.67 -1.14
CA ALA G 94 -14.99 -34.76 -1.06
C ALA G 94 -15.19 -35.46 -2.41
N SER G 95 -15.94 -34.82 -3.32
CA SER G 95 -16.16 -35.33 -4.67
C SER G 95 -16.76 -34.26 -5.58
N ARG H 8 -43.78 28.94 14.43
CA ARG H 8 -44.30 29.16 15.81
C ARG H 8 -45.24 28.03 16.22
N LEU H 9 -44.64 26.91 16.65
CA LEU H 9 -45.40 25.72 17.01
C LEU H 9 -45.31 25.36 18.48
N THR H 10 -46.24 24.51 18.92
CA THR H 10 -46.45 24.26 20.34
C THR H 10 -45.23 23.67 21.07
N PRO H 11 -45.13 23.91 22.39
CA PRO H 11 -44.26 23.16 23.28
C PRO H 11 -44.37 21.64 23.08
N GLU H 12 -45.56 21.17 22.71
CA GLU H 12 -45.78 19.75 22.42
C GLU H 12 -45.11 19.28 21.13
N GLU H 13 -45.07 20.14 20.11
CA GLU H 13 -44.32 19.87 18.88
C GLU H 13 -42.83 19.85 19.16
N LEU H 14 -42.42 20.75 20.05
CA LEU H 14 -41.02 20.86 20.38
C LEU H 14 -40.50 19.64 21.11
N ARG H 15 -41.25 19.17 22.10
CA ARG H 15 -40.78 18.07 22.93
C ARG H 15 -40.81 16.71 22.24
N GLY H 16 -41.66 16.57 21.23
CA GLY H 16 -41.73 15.35 20.42
C GLY H 16 -40.48 15.24 19.57
N VAL H 17 -40.04 16.37 19.03
CA VAL H 17 -38.82 16.46 18.24
C VAL H 17 -37.57 16.37 19.12
N ALA H 18 -37.62 16.98 20.29
CA ALA H 18 -36.60 16.80 21.32
C ALA H 18 -36.35 15.34 21.62
N ARG H 19 -37.44 14.59 21.84
CA ARG H 19 -37.40 13.15 22.13
C ARG H 19 -36.85 12.34 20.95
N GLN H 20 -36.89 12.93 19.77
CA GLN H 20 -36.43 12.28 18.56
C GLN H 20 -34.91 12.39 18.50
N TYR H 21 -34.39 13.56 18.88
CA TYR H 21 -32.94 13.77 19.00
C TYR H 21 -32.32 12.89 20.11
N ASN H 22 -33.04 12.73 21.22
CA ASN H 22 -32.61 11.89 22.34
C ASN H 22 -32.60 10.42 21.99
N VAL H 23 -33.63 9.95 21.29
CA VAL H 23 -33.68 8.56 20.84
C VAL H 23 -32.54 8.25 19.86
N GLU H 24 -32.30 9.13 18.88
CA GLU H 24 -31.21 8.92 17.91
C GLU H 24 -29.85 8.92 18.60
N SER H 25 -29.69 9.78 19.61
CA SER H 25 -28.46 9.81 20.41
C SER H 25 -28.21 8.47 21.04
N SER H 26 -29.24 7.85 21.60
CA SER H 26 -29.04 6.56 22.22
C SER H 26 -28.90 5.44 21.15
N ASN H 27 -29.57 5.58 20.01
CA ASN H 27 -29.31 4.70 18.84
C ASN H 27 -27.83 4.68 18.45
N VAL H 28 -27.21 5.85 18.38
CA VAL H 28 -25.78 5.95 18.07
C VAL H 28 -24.94 5.27 19.15
N THR H 29 -25.21 5.57 20.43
CA THR H 29 -24.50 4.93 21.53
C THR H 29 -24.61 3.37 21.51
N GLU H 30 -25.80 2.87 21.26
CA GLU H 30 -26.04 1.42 21.22
C GLU H 30 -25.35 0.77 20.00
N LEU H 31 -25.43 1.41 18.84
CA LEU H 31 -24.61 1.01 17.68
C LEU H 31 -23.11 0.92 18.00
N ILE H 32 -22.55 1.91 18.69
CA ILE H 32 -21.12 1.90 19.01
C ILE H 32 -20.81 0.64 19.82
N ALA H 33 -21.66 0.34 20.79
CA ALA H 33 -21.53 -0.88 21.59
C ALA H 33 -21.57 -2.15 20.76
N ARG H 34 -22.47 -2.21 19.77
CA ARG H 34 -22.57 -3.42 18.95
C ARG H 34 -21.32 -3.52 18.08
N LEU H 35 -20.88 -2.40 17.50
CA LEU H 35 -19.67 -2.41 16.67
C LEU H 35 -18.43 -2.73 17.48
N ASP H 36 -18.36 -2.19 18.70
CA ASP H 36 -17.30 -2.57 19.63
C ASP H 36 -17.22 -4.07 19.83
N GLN H 37 -18.36 -4.71 20.07
CA GLN H 37 -18.39 -6.16 20.25
C GLN H 37 -17.94 -6.90 18.97
N MET H 38 -18.36 -6.39 17.81
CA MET H 38 -17.96 -6.99 16.53
C MET H 38 -16.48 -6.91 16.35
N SER H 39 -15.95 -5.70 16.59
N SER H 39 -15.94 -5.72 16.62
CA SER H 39 -14.52 -5.44 16.46
CA SER H 39 -14.48 -5.53 16.60
C SER H 39 -13.64 -6.38 17.27
C SER H 39 -13.75 -6.48 17.58
N HIS H 40 -14.14 -6.81 18.43
N HIS H 40 -14.43 -6.82 18.69
CA HIS H 40 -13.38 -7.66 19.35
CA HIS H 40 -13.85 -7.72 19.71
C HIS H 40 -13.38 -9.11 18.94
C HIS H 40 -13.70 -9.17 19.27
N THR H 41 -14.41 -9.55 18.23
CA THR H 41 -14.54 -10.98 17.85
C THR H 41 -14.06 -11.33 16.45
N LEU H 42 -14.01 -10.35 15.54
CA LEU H 42 -13.79 -10.68 14.10
C LEU H 42 -12.54 -11.47 13.83
N GLN H 43 -11.43 -11.05 14.43
CA GLN H 43 -10.16 -11.71 14.20
C GLN H 43 -10.15 -13.14 14.68
N GLY H 44 -10.97 -13.44 15.69
CA GLY H 44 -10.97 -14.77 16.27
C GLY H 44 -11.86 -15.75 15.51
N ILE H 45 -12.68 -15.26 14.56
CA ILE H 45 -13.65 -16.12 13.86
C ILE H 45 -13.47 -16.10 12.34
N TRP H 46 -12.58 -15.24 11.84
CA TRP H 46 -12.42 -15.09 10.39
C TRP H 46 -10.98 -14.88 10.01
N GLU H 47 -10.46 -15.77 9.19
CA GLU H 47 -9.07 -15.71 8.76
C GLU H 47 -8.79 -14.56 7.81
N GLY H 48 -7.55 -14.10 7.74
CA GLY H 48 -7.13 -13.14 6.69
C GLY H 48 -6.74 -11.77 7.20
N ALA H 49 -6.13 -10.96 6.33
CA ALA H 49 -5.69 -9.61 6.72
C ALA H 49 -6.84 -8.63 6.89
N SER H 50 -7.96 -8.97 6.27
CA SER H 50 -9.15 -8.12 6.27
C SER H 50 -9.80 -7.87 7.66
N SER H 51 -9.72 -8.86 8.54
N SER H 51 -9.74 -8.87 8.54
CA SER H 51 -10.20 -8.69 9.92
CA SER H 51 -10.17 -8.71 9.93
C SER H 51 -9.44 -7.55 10.60
C SER H 51 -9.45 -7.54 10.57
N GLU H 52 -8.12 -7.52 10.45
CA GLU H 52 -7.29 -6.48 11.06
C GLU H 52 -7.60 -5.10 10.45
N ALA H 53 -7.77 -5.08 9.14
CA ALA H 53 -8.21 -3.90 8.40
C ALA H 53 -9.44 -3.29 9.04
N PHE H 54 -10.45 -4.12 9.31
CA PHE H 54 -11.71 -3.64 9.85
C PHE H 54 -11.51 -3.00 11.21
N ILE H 55 -10.74 -3.67 12.05
CA ILE H 55 -10.57 -3.20 13.41
C ILE H 55 -9.92 -1.82 13.43
N GLN H 56 -8.83 -1.66 12.68
CA GLN H 56 -8.10 -0.38 12.67
C GLN H 56 -8.92 0.72 12.04
N GLN H 57 -9.62 0.41 10.95
CA GLN H 57 -10.44 1.44 10.27
C GLN H 57 -11.65 1.85 11.11
N TYR H 58 -12.30 0.90 11.78
CA TYR H 58 -13.37 1.22 12.72
C TYR H 58 -12.84 2.13 13.83
N GLN H 59 -11.66 1.81 14.38
CA GLN H 59 -11.11 2.61 15.50
C GLN H 59 -10.84 4.04 15.06
N GLU H 60 -10.51 4.23 13.78
CA GLU H 60 -10.26 5.59 13.25
C GLU H 60 -11.54 6.42 13.12
N LEU H 61 -12.67 5.76 12.92
CA LEU H 61 -13.97 6.40 12.68
C LEU H 61 -14.79 6.56 13.97
N ARG H 62 -14.56 5.66 14.92
CA ARG H 62 -15.36 5.59 16.15
C ARG H 62 -15.52 6.96 16.88
N PRO H 63 -14.44 7.77 17.01
CA PRO H 63 -14.62 9.07 17.71
C PRO H 63 -15.65 10.01 17.10
N SER H 64 -15.89 9.89 15.79
CA SER H 64 -16.97 10.67 15.14
C SER H 64 -18.35 10.25 15.60
N PHE H 65 -18.54 8.96 15.87
CA PHE H 65 -19.81 8.45 16.40
C PHE H 65 -20.02 8.92 17.84
N GLU H 66 -18.95 8.87 18.64
N GLU H 66 -18.96 8.90 18.64
CA GLU H 66 -19.01 9.37 20.01
CA GLU H 66 -19.01 9.38 20.02
C GLU H 66 -19.48 10.82 20.00
C GLU H 66 -19.41 10.86 20.06
N LYS H 67 -18.83 11.66 19.18
CA LYS H 67 -19.17 13.09 19.06
C LYS H 67 -20.61 13.29 18.62
N MET H 68 -21.08 12.48 17.67
CA MET H 68 -22.48 12.58 17.18
C MET H 68 -23.51 12.31 18.25
N ALA H 69 -23.27 11.28 19.07
CA ALA H 69 -24.15 10.95 20.20
C ALA H 69 -24.26 12.15 21.16
N VAL H 70 -23.11 12.75 21.49
CA VAL H 70 -23.08 13.98 22.32
C VAL H 70 -23.86 15.14 21.66
N LEU H 71 -23.55 15.41 20.40
CA LEU H 71 -24.23 16.44 19.64
C LEU H 71 -25.74 16.26 19.62
N LEU H 72 -26.23 15.03 19.39
CA LEU H 72 -27.68 14.83 19.35
C LEU H 72 -28.33 15.10 20.68
N ASN H 73 -27.72 14.63 21.76
CA ASN H 73 -28.20 14.92 23.11
C ASN H 73 -28.25 16.44 23.40
N GLU H 74 -27.22 17.15 22.97
CA GLU H 74 -27.15 18.60 23.16
C GLU H 74 -28.30 19.32 22.45
N VAL H 75 -28.53 19.01 21.17
CA VAL H 75 -29.67 19.58 20.46
C VAL H 75 -30.99 19.17 21.12
N GLY H 76 -31.09 17.91 21.51
CA GLY H 76 -32.25 17.43 22.28
C GLY H 76 -32.51 18.27 23.52
N GLN H 77 -31.46 18.55 24.28
CA GLN H 77 -31.57 19.40 25.47
C GLN H 77 -32.05 20.81 25.11
N GLN H 78 -31.44 21.40 24.09
CA GLN H 78 -31.79 22.75 23.64
C GLN H 78 -33.28 22.86 23.33
N LEU H 79 -33.81 21.85 22.65
CA LEU H 79 -35.18 21.84 22.22
C LEU H 79 -36.14 21.67 23.37
N HIS H 80 -35.79 20.78 24.31
CA HIS H 80 -36.62 20.49 25.46
C HIS H 80 -36.71 21.67 26.38
N ASN H 81 -35.60 22.40 26.49
CA ASN H 81 -35.50 23.61 27.31
C ASN H 81 -36.36 24.71 26.71
N SER H 82 -36.30 24.85 25.39
CA SER H 82 -37.06 25.86 24.69
C SER H 82 -38.55 25.64 24.89
N ALA H 83 -38.96 24.38 24.82
CA ALA H 83 -40.33 23.98 25.09
C ALA H 83 -40.78 24.41 26.49
N THR H 84 -39.97 24.06 27.48
CA THR H 84 -40.31 24.27 28.89
C THR H 84 -40.41 25.76 29.20
N ILE H 85 -39.47 26.54 28.67
CA ILE H 85 -39.50 27.99 28.82
C ILE H 85 -40.79 28.56 28.20
N LEU H 86 -41.10 28.14 26.97
CA LEU H 86 -42.31 28.58 26.28
C LEU H 86 -43.59 28.19 27.04
N GLU H 87 -43.62 26.98 27.59
CA GLU H 87 -44.76 26.54 28.38
C GLU H 87 -44.90 27.33 29.68
N ASP H 88 -43.81 27.42 30.44
CA ASP H 88 -43.79 28.19 31.71
C ASP H 88 -44.16 29.64 31.47
N THR H 89 -43.47 30.27 30.53
CA THR H 89 -43.69 31.68 30.20
C THR H 89 -45.13 31.94 29.81
N ASP H 90 -45.75 30.96 29.15
CA ASP H 90 -47.17 31.08 28.84
C ASP H 90 -47.99 31.11 30.13
N GLN H 91 -47.76 30.13 31.00
CA GLN H 91 -48.46 30.03 32.28
C GLN H 91 -48.20 31.24 33.19
N GLN H 92 -47.04 31.86 33.03
CA GLN H 92 -46.66 33.03 33.83
C GLN H 92 -47.35 34.31 33.34
N ILE H 93 -47.35 34.51 32.02
CA ILE H 93 -48.07 35.64 31.45
C ILE H 93 -49.56 35.57 31.78
N ALA H 94 -50.14 34.38 31.64
CA ALA H 94 -51.56 34.15 31.88
C ALA H 94 -51.92 34.53 33.32
N SER H 95 -51.13 34.00 34.26
CA SER H 95 -51.30 34.24 35.69
C SER H 95 -51.18 35.71 36.06
N GLN H 96 -50.13 36.38 35.57
CA GLN H 96 -49.90 37.80 35.86
C GLN H 96 -51.03 38.69 35.35
N ILE H 97 -51.48 38.45 34.11
CA ILE H 97 -52.54 39.26 33.49
C ILE H 97 -53.85 39.13 34.26
N ARG H 98 -54.22 37.89 34.58
CA ARG H 98 -55.47 37.62 35.30
C ARG H 98 -55.52 38.31 36.65
N GLY H 99 -54.42 38.24 37.40
CA GLY H 99 -54.28 38.98 38.66
C GLY H 99 -54.28 38.10 39.89
C ACT I . -8.67 -15.72 -15.09
O ACT I . -8.82 -16.16 -16.25
OXT ACT I . -7.95 -14.71 -14.87
CH3 ACT I . -9.38 -16.42 -13.96
P PO4 J . 0.60 -9.61 -14.96
O1 PO4 J . -0.01 -10.71 -14.11
O2 PO4 J . 0.74 -10.08 -16.39
O3 PO4 J . 1.97 -9.28 -14.41
O4 PO4 J . -0.31 -8.40 -14.95
P PO4 K . 3.03 -11.94 -25.39
O1 PO4 K . 2.69 -13.33 -24.88
O2 PO4 K . 3.26 -12.00 -26.88
O3 PO4 K . 4.28 -11.45 -24.71
O4 PO4 K . 1.90 -10.98 -25.08
C ACT L . -23.48 -9.34 -0.45
O ACT L . -22.64 -9.53 -1.34
OXT ACT L . -23.83 -8.18 -0.11
CH3 ACT L . -24.08 -10.53 0.25
C ACT M . 4.21 -11.35 -11.32
O ACT M . 4.77 -12.33 -10.71
OXT ACT M . 4.31 -11.18 -12.58
CH3 ACT M . 3.43 -10.33 -10.54
C ACT N . 2.66 -14.61 -0.06
O ACT N . 3.36 -15.66 -0.08
OXT ACT N . 2.45 -13.92 -1.09
CH3 ACT N . 2.01 -14.20 1.24
C ACT O . 11.51 8.27 -12.73
O ACT O . 11.27 8.41 -11.51
OXT ACT O . 12.65 8.46 -13.21
CH3 ACT O . 10.39 7.89 -13.65
C ACT P . -29.41 2.21 14.62
O ACT P . -30.43 2.89 14.86
OXT ACT P . -29.43 0.96 14.56
CH3 ACT P . -28.09 2.89 14.36
#